data_1XYZ
#
_entry.id   1XYZ
#
_cell.length_a   47.100
_cell.length_b   51.100
_cell.length_c   70.740
_cell.angle_alpha   100.54
_cell.angle_beta   83.79
_cell.angle_gamma   101.64
#
_symmetry.space_group_name_H-M   'P 1'
#
loop_
_entity.id
_entity.type
_entity.pdbx_description
1 polymer 1,4-BETA-D-XYLAN-XYLANOHYDROLASE
2 water water
#
_entity_poly.entity_id   1
_entity_poly.type   'polypeptide(L)'
_entity_poly.pdbx_seq_one_letter_code
;PGQGDVQTPNPSVTPTQTPIPTISGNALRDYAEARGIKIGTCVNYPFYNNSDPTYNSILQREFSMVVCENEMKFDALQPR
QNVFDFSKGDQLLAFAERNGMQMRGHTLIWHNQNPSWLTNGNWNRDSLLAVMKNHITTVMTHYKGKIVEWDVANECMDDS
GNGLRSSIWRNVIGQDYLDYAFRYAREADPDALLFYNDYNIEDLGPKSNAVFNMIKSMKERGVPIDGVGFQCHFINGMSP
EYLASIDQNIKRYAEIGVIVSFTEIDIRIPQSENPATAFQVQANNYKELMKICLANPNCNTFVMWGFTDKYTWIPGTFPG
YGNPLIYDSNYNPKPAYNAIKEALMGY
;
_entity_poly.pdbx_strand_id   A,B
#
# COMPACT_ATOMS: atom_id res chain seq x y z
N ASN A 26 -23.85 -24.68 2.74
CA ASN A 26 -23.56 -25.02 4.17
C ASN A 26 -22.07 -25.28 4.51
N ALA A 27 -21.15 -25.10 3.55
CA ALA A 27 -19.71 -25.35 3.83
C ALA A 27 -19.10 -24.16 4.56
N LEU A 28 -17.94 -24.36 5.19
CA LEU A 28 -17.28 -23.27 5.89
C LEU A 28 -17.04 -22.08 4.95
N ARG A 29 -16.62 -22.34 3.72
CA ARG A 29 -16.38 -21.25 2.76
C ARG A 29 -17.62 -20.41 2.44
N ASP A 30 -18.81 -21.00 2.54
CA ASP A 30 -20.04 -20.25 2.25
C ASP A 30 -20.34 -19.22 3.34
N TYR A 31 -20.21 -19.64 4.59
CA TYR A 31 -20.45 -18.74 5.71
C TYR A 31 -19.35 -17.69 5.78
N ALA A 32 -18.13 -18.10 5.45
CA ALA A 32 -17.00 -17.17 5.47
C ALA A 32 -17.20 -16.12 4.40
N GLU A 33 -17.50 -16.55 3.18
CA GLU A 33 -17.73 -15.64 2.06
C GLU A 33 -18.79 -14.60 2.42
N ALA A 34 -19.85 -15.04 3.10
CA ALA A 34 -20.94 -14.16 3.49
C ALA A 34 -20.47 -13.05 4.44
N ARG A 35 -19.37 -13.32 5.13
CA ARG A 35 -18.83 -12.36 6.07
C ARG A 35 -17.63 -11.59 5.53
N GLY A 36 -17.23 -11.85 4.27
CA GLY A 36 -16.08 -11.17 3.67
C GLY A 36 -14.69 -11.64 4.15
N ILE A 37 -14.62 -12.90 4.57
CA ILE A 37 -13.42 -13.57 5.11
C ILE A 37 -13.06 -14.73 4.14
N LYS A 38 -11.77 -14.97 3.94
CA LYS A 38 -11.30 -16.11 3.16
C LYS A 38 -10.83 -17.13 4.21
N ILE A 39 -11.26 -18.39 4.07
CA ILE A 39 -10.89 -19.43 5.01
C ILE A 39 -10.09 -20.47 4.24
N GLY A 40 -8.90 -20.80 4.74
CA GLY A 40 -8.08 -21.72 3.98
C GLY A 40 -7.25 -22.69 4.76
N THR A 41 -6.39 -23.42 4.04
CA THR A 41 -5.51 -24.41 4.65
C THR A 41 -4.29 -24.63 3.75
N CYS A 42 -3.19 -25.11 4.35
CA CYS A 42 -2.05 -25.51 3.55
C CYS A 42 -2.46 -26.88 2.97
N VAL A 43 -1.88 -27.22 1.82
CA VAL A 43 -2.21 -28.47 1.14
C VAL A 43 -1.09 -29.47 1.38
N ASN A 44 -1.42 -30.59 2.03
CA ASN A 44 -0.44 -31.64 2.37
C ASN A 44 -0.11 -32.51 1.17
N TYR A 45 0.99 -33.23 1.27
CA TYR A 45 1.43 -34.04 0.14
C TYR A 45 0.51 -35.01 -0.60
N PRO A 46 -0.40 -35.72 0.11
CA PRO A 46 -1.29 -36.65 -0.58
C PRO A 46 -2.08 -36.04 -1.71
N PHE A 47 -2.30 -34.73 -1.66
CA PHE A 47 -3.05 -34.06 -2.73
C PHE A 47 -2.44 -34.32 -4.11
N TYR A 48 -1.12 -34.18 -4.19
CA TYR A 48 -0.41 -34.34 -5.45
C TYR A 48 -0.45 -35.72 -6.09
N ASN A 49 -0.23 -36.78 -5.32
CA ASN A 49 -0.25 -38.11 -5.90
C ASN A 49 -1.60 -38.83 -5.83
N ASN A 50 -2.63 -38.14 -5.35
CA ASN A 50 -4.00 -38.70 -5.24
C ASN A 50 -4.17 -39.94 -4.38
N SER A 51 -3.30 -40.09 -3.38
CA SER A 51 -3.35 -41.24 -2.49
C SER A 51 -4.47 -41.17 -1.46
N ASP A 52 -5.11 -40.01 -1.30
CA ASP A 52 -6.16 -39.87 -0.30
C ASP A 52 -7.34 -39.10 -0.89
N PRO A 53 -8.30 -39.81 -1.55
CA PRO A 53 -9.50 -39.23 -2.18
C PRO A 53 -10.36 -38.43 -1.23
N THR A 54 -10.50 -38.91 0.01
CA THR A 54 -11.33 -38.22 1.00
C THR A 54 -10.70 -36.84 1.31
N TYR A 55 -9.36 -36.80 1.39
CA TYR A 55 -8.64 -35.55 1.65
C TYR A 55 -9.04 -34.53 0.58
N ASN A 56 -8.89 -34.92 -0.68
CA ASN A 56 -9.21 -34.05 -1.81
C ASN A 56 -10.67 -33.63 -1.88
N SER A 57 -11.59 -34.51 -1.51
CA SER A 57 -13.00 -34.16 -1.57
C SER A 57 -13.40 -33.10 -0.50
N ILE A 58 -12.81 -33.18 0.68
CA ILE A 58 -13.10 -32.17 1.71
C ILE A 58 -12.40 -30.85 1.31
N LEU A 59 -11.15 -30.95 0.85
CA LEU A 59 -10.39 -29.77 0.43
C LEU A 59 -11.14 -28.90 -0.59
N GLN A 60 -11.62 -29.51 -1.68
CA GLN A 60 -12.34 -28.74 -2.73
C GLN A 60 -13.74 -28.20 -2.33
N ARG A 61 -14.30 -28.76 -1.26
CA ARG A 61 -15.62 -28.38 -0.77
C ARG A 61 -15.69 -27.27 0.30
N GLU A 62 -14.82 -27.34 1.29
CA GLU A 62 -14.89 -26.44 2.44
C GLU A 62 -14.08 -25.15 2.43
N PHE A 63 -13.03 -25.07 1.63
CA PHE A 63 -12.14 -23.92 1.69
C PHE A 63 -12.18 -22.98 0.51
N SER A 64 -11.90 -21.71 0.77
CA SER A 64 -11.87 -20.70 -0.30
C SER A 64 -10.43 -20.18 -0.57
N MET A 65 -9.43 -20.76 0.10
CA MET A 65 -8.03 -20.36 -0.05
C MET A 65 -7.10 -21.57 0.24
N VAL A 66 -6.01 -21.69 -0.53
CA VAL A 66 -5.01 -22.74 -0.35
C VAL A 66 -3.58 -22.14 -0.35
N VAL A 67 -2.64 -22.85 0.27
CA VAL A 67 -1.25 -22.43 0.37
C VAL A 67 -0.44 -23.72 0.25
N CYS A 68 0.73 -23.64 -0.39
CA CYS A 68 1.63 -24.78 -0.54
C CYS A 68 2.36 -25.05 0.77
N GLU A 69 2.34 -26.26 1.27
CA GLU A 69 3.03 -26.50 2.53
C GLU A 69 4.54 -26.41 2.36
N ASN A 70 5.06 -27.06 1.30
CA ASN A 70 6.51 -27.10 1.08
C ASN A 70 6.96 -26.86 -0.34
N GLU A 71 6.03 -26.93 -1.28
CA GLU A 71 6.34 -26.86 -2.70
C GLU A 71 6.74 -25.52 -3.32
N MET A 72 6.60 -24.43 -2.56
CA MET A 72 7.03 -23.13 -3.06
C MET A 72 8.15 -22.52 -2.24
N LYS A 73 8.83 -23.36 -1.46
CA LYS A 73 9.99 -22.93 -0.68
C LYS A 73 11.20 -22.87 -1.66
N PHE A 74 12.25 -22.14 -1.31
CA PHE A 74 13.44 -21.95 -2.20
C PHE A 74 14.06 -23.22 -2.79
N ASP A 75 14.26 -24.24 -1.96
CA ASP A 75 14.85 -25.50 -2.43
C ASP A 75 13.97 -26.24 -3.43
N ALA A 76 12.65 -26.10 -3.33
CA ALA A 76 11.73 -26.76 -4.23
C ALA A 76 11.61 -26.05 -5.57
N LEU A 77 11.58 -24.73 -5.52
CA LEU A 77 11.44 -23.90 -6.72
C LEU A 77 12.72 -23.72 -7.55
N GLN A 78 13.87 -23.62 -6.90
CA GLN A 78 15.15 -23.43 -7.62
C GLN A 78 16.15 -24.46 -7.07
N PRO A 79 15.96 -25.74 -7.42
CA PRO A 79 16.81 -26.85 -6.96
C PRO A 79 18.26 -26.83 -7.41
N ARG A 80 18.51 -26.20 -8.55
CA ARG A 80 19.88 -26.06 -9.10
C ARG A 80 19.94 -24.61 -9.51
N GLN A 81 21.12 -24.02 -9.57
CA GLN A 81 21.21 -22.59 -9.90
C GLN A 81 20.64 -22.30 -11.30
N ASN A 82 19.70 -21.37 -11.32
CA ASN A 82 18.95 -20.96 -12.51
C ASN A 82 18.09 -21.98 -13.21
N VAL A 83 17.67 -22.99 -12.45
CA VAL A 83 16.77 -24.04 -12.92
C VAL A 83 15.54 -23.92 -11.99
N PHE A 84 14.37 -23.63 -12.57
CA PHE A 84 13.14 -23.40 -11.79
C PHE A 84 12.16 -24.50 -12.05
N ASP A 85 11.60 -25.05 -10.97
CA ASP A 85 10.65 -26.13 -11.12
C ASP A 85 9.29 -25.62 -10.66
N PHE A 86 8.38 -25.35 -11.61
CA PHE A 86 7.06 -24.83 -11.29
C PHE A 86 5.97 -25.91 -11.32
N SER A 87 6.36 -27.16 -11.52
CA SER A 87 5.36 -28.21 -11.67
C SER A 87 4.28 -28.31 -10.59
N LYS A 88 4.68 -28.44 -9.32
CA LYS A 88 3.71 -28.59 -8.22
C LYS A 88 2.90 -27.34 -7.94
N GLY A 89 3.55 -26.18 -7.99
CA GLY A 89 2.85 -24.95 -7.77
C GLY A 89 1.81 -24.70 -8.85
N ASP A 90 2.12 -25.02 -10.12
CA ASP A 90 1.17 -24.80 -11.22
C ASP A 90 0.00 -25.78 -11.13
N GLN A 91 0.28 -26.98 -10.65
CA GLN A 91 -0.75 -27.99 -10.44
C GLN A 91 -1.74 -27.50 -9.33
N LEU A 92 -1.23 -26.94 -8.24
CA LEU A 92 -2.13 -26.42 -7.21
C LEU A 92 -2.92 -25.19 -7.69
N LEU A 93 -2.29 -24.31 -8.45
CA LEU A 93 -2.99 -23.13 -8.93
C LEU A 93 -4.14 -23.53 -9.88
N ALA A 94 -3.92 -24.52 -10.73
CA ALA A 94 -4.97 -24.96 -11.66
C ALA A 94 -6.20 -25.50 -10.86
N PHE A 95 -5.92 -26.26 -9.81
CA PHE A 95 -6.98 -26.80 -8.94
C PHE A 95 -7.72 -25.63 -8.28
N ALA A 96 -6.97 -24.65 -7.76
CA ALA A 96 -7.58 -23.48 -7.09
C ALA A 96 -8.52 -22.74 -8.01
N GLU A 97 -8.07 -22.51 -9.23
CA GLU A 97 -8.88 -21.79 -10.21
C GLU A 97 -10.18 -22.50 -10.60
N ARG A 98 -10.17 -23.82 -10.76
CA ARG A 98 -11.42 -24.48 -11.13
C ARG A 98 -12.34 -24.66 -9.93
N ASN A 99 -11.83 -24.34 -8.75
CA ASN A 99 -12.64 -24.44 -7.53
C ASN A 99 -12.94 -23.08 -6.89
N GLY A 100 -12.69 -22.00 -7.62
CA GLY A 100 -12.98 -20.67 -7.13
C GLY A 100 -12.25 -20.31 -5.85
N MET A 101 -10.99 -20.75 -5.74
CA MET A 101 -10.18 -20.48 -4.57
C MET A 101 -9.05 -19.51 -4.87
N GLN A 102 -8.63 -18.75 -3.85
CA GLN A 102 -7.48 -17.86 -3.97
C GLN A 102 -6.27 -18.63 -3.43
N MET A 103 -5.07 -18.13 -3.67
CA MET A 103 -3.88 -18.82 -3.20
C MET A 103 -2.91 -17.83 -2.56
N ARG A 104 -2.22 -18.25 -1.51
CA ARG A 104 -1.16 -17.44 -0.89
C ARG A 104 0.18 -18.06 -1.35
N GLY A 105 1.20 -17.24 -1.53
CA GLY A 105 2.50 -17.74 -1.94
C GLY A 105 3.38 -17.86 -0.70
N HIS A 106 3.97 -19.01 -0.47
CA HIS A 106 4.77 -19.23 0.70
C HIS A 106 5.98 -20.07 0.28
N THR A 107 7.22 -19.59 0.40
CA THR A 107 7.61 -18.28 0.91
C THR A 107 8.96 -18.03 0.22
N LEU A 108 9.31 -16.77 -0.02
CA LEU A 108 10.53 -16.45 -0.75
C LEU A 108 11.85 -16.47 0.02
N ILE A 109 11.95 -15.65 1.05
CA ILE A 109 13.19 -15.53 1.81
C ILE A 109 13.05 -16.11 3.22
N TRP A 110 13.83 -17.14 3.52
CA TRP A 110 13.77 -17.83 4.82
C TRP A 110 15.18 -18.38 5.14
N HIS A 111 15.46 -18.66 6.41
CA HIS A 111 16.78 -19.21 6.78
C HIS A 111 16.82 -20.73 6.68
N ASN A 112 15.66 -21.35 6.50
CA ASN A 112 15.56 -22.80 6.38
C ASN A 112 15.16 -23.21 4.98
N GLN A 113 15.42 -24.48 4.70
CA GLN A 113 15.08 -25.10 3.43
C GLN A 113 15.63 -24.40 2.20
N ASN A 114 16.93 -24.10 2.26
CA ASN A 114 17.67 -23.48 1.15
C ASN A 114 18.48 -24.59 0.46
N PRO A 115 18.58 -24.57 -0.90
CA PRO A 115 19.32 -25.62 -1.62
C PRO A 115 20.82 -25.59 -1.35
N SER A 116 21.49 -26.75 -1.45
CA SER A 116 22.92 -26.78 -1.17
C SER A 116 23.77 -25.84 -2.03
N TRP A 117 23.42 -25.64 -3.30
CA TRP A 117 24.20 -24.70 -4.13
C TRP A 117 24.23 -23.28 -3.52
N LEU A 118 23.20 -22.89 -2.77
CA LEU A 118 23.15 -21.57 -2.18
C LEU A 118 23.94 -21.54 -0.89
N THR A 119 23.58 -22.43 0.05
CA THR A 119 24.24 -22.42 1.35
C THR A 119 25.74 -22.74 1.33
N ASN A 120 26.20 -23.43 0.29
CA ASN A 120 27.62 -23.77 0.14
C ASN A 120 28.31 -22.93 -0.92
N GLY A 121 27.67 -21.88 -1.42
CA GLY A 121 28.29 -21.07 -2.44
C GLY A 121 29.26 -20.04 -1.86
N ASN A 122 29.98 -19.33 -2.72
CA ASN A 122 30.91 -18.28 -2.26
C ASN A 122 30.24 -16.96 -2.66
N TRP A 123 29.66 -16.28 -1.68
CA TRP A 123 28.95 -15.04 -1.94
C TRP A 123 29.50 -13.83 -1.22
N ASN A 124 29.12 -12.67 -1.74
CA ASN A 124 29.42 -11.40 -1.11
C ASN A 124 28.08 -10.64 -1.23
N ARG A 125 28.00 -9.47 -0.62
CA ARG A 125 26.78 -8.69 -0.64
C ARG A 125 26.19 -8.53 -2.04
N ASP A 126 27.00 -8.07 -2.98
CA ASP A 126 26.56 -7.85 -4.34
C ASP A 126 26.10 -9.09 -5.08
N SER A 127 26.85 -10.20 -4.99
CA SER A 127 26.42 -11.39 -5.71
C SER A 127 25.19 -12.07 -5.10
N LEU A 128 25.03 -11.98 -3.78
CA LEU A 128 23.87 -12.59 -3.13
C LEU A 128 22.60 -11.76 -3.39
N LEU A 129 22.73 -10.43 -3.47
CA LEU A 129 21.58 -9.59 -3.80
C LEU A 129 21.09 -9.93 -5.20
N ALA A 130 22.02 -10.25 -6.11
CA ALA A 130 21.64 -10.61 -7.49
C ALA A 130 20.86 -11.92 -7.51
N VAL A 131 21.30 -12.89 -6.71
CA VAL A 131 20.61 -14.19 -6.61
C VAL A 131 19.19 -13.96 -6.02
N MET A 132 19.10 -13.11 -4.99
CA MET A 132 17.82 -12.81 -4.36
C MET A 132 16.86 -12.20 -5.38
N LYS A 133 17.35 -11.20 -6.13
CA LYS A 133 16.53 -10.53 -7.14
C LYS A 133 16.08 -11.47 -8.25
N ASN A 134 16.95 -12.36 -8.71
CA ASN A 134 16.58 -13.30 -9.78
C ASN A 134 15.51 -14.30 -9.30
N HIS A 135 15.66 -14.78 -8.06
CA HIS A 135 14.70 -15.74 -7.50
C HIS A 135 13.32 -15.09 -7.34
N ILE A 136 13.28 -13.96 -6.67
CA ILE A 136 12.03 -13.25 -6.44
C ILE A 136 11.34 -12.85 -7.75
N THR A 137 12.07 -12.26 -8.69
CA THR A 137 11.47 -11.81 -9.94
C THR A 137 10.97 -12.95 -10.83
N THR A 138 11.77 -14.01 -10.96
CA THR A 138 11.37 -15.16 -11.79
C THR A 138 10.13 -15.87 -11.25
N VAL A 139 10.08 -16.12 -9.94
CA VAL A 139 8.95 -16.79 -9.33
C VAL A 139 7.67 -15.93 -9.35
N MET A 140 7.77 -14.68 -8.91
CA MET A 140 6.60 -13.82 -8.89
C MET A 140 6.03 -13.47 -10.26
N THR A 141 6.87 -13.29 -11.28
CA THR A 141 6.34 -12.97 -12.61
C THR A 141 5.64 -14.21 -13.21
N HIS A 142 6.10 -15.42 -12.87
CA HIS A 142 5.41 -16.64 -13.36
C HIS A 142 3.96 -16.68 -12.84
N TYR A 143 3.76 -16.17 -11.61
CA TYR A 143 2.42 -16.16 -10.98
C TYR A 143 1.80 -14.76 -10.91
N LYS A 144 2.28 -13.85 -11.74
CA LYS A 144 1.83 -12.46 -11.69
C LYS A 144 0.32 -12.32 -11.79
N GLY A 145 -0.26 -11.61 -10.82
CA GLY A 145 -1.69 -11.37 -10.79
C GLY A 145 -2.52 -12.60 -10.41
N LYS A 146 -1.90 -13.71 -10.11
CA LYS A 146 -2.68 -14.92 -9.75
C LYS A 146 -2.62 -15.29 -8.25
N ILE A 147 -1.64 -14.75 -7.52
CA ILE A 147 -1.48 -15.02 -6.09
C ILE A 147 -1.71 -13.70 -5.31
N VAL A 148 -2.73 -13.70 -4.46
CA VAL A 148 -3.12 -12.49 -3.73
C VAL A 148 -2.28 -12.01 -2.56
N GLU A 149 -1.69 -12.93 -1.83
CA GLU A 149 -0.84 -12.57 -0.71
C GLU A 149 0.43 -13.39 -0.82
N TRP A 150 1.57 -12.74 -0.63
CA TRP A 150 2.88 -13.39 -0.67
C TRP A 150 3.62 -13.24 0.64
N ASP A 151 4.12 -14.33 1.19
CA ASP A 151 4.97 -14.28 2.38
C ASP A 151 6.37 -14.04 1.76
N VAL A 152 6.75 -12.78 1.66
CA VAL A 152 8.04 -12.42 1.08
C VAL A 152 9.20 -12.88 1.95
N ALA A 153 9.06 -12.66 3.26
CA ALA A 153 10.08 -13.05 4.22
C ALA A 153 9.38 -13.83 5.33
N ASN A 154 10.07 -14.81 5.89
CA ASN A 154 9.50 -15.69 6.91
C ASN A 154 10.45 -15.94 8.09
N GLU A 155 9.96 -15.74 9.30
CA GLU A 155 10.73 -16.00 10.53
C GLU A 155 12.13 -15.42 10.57
N CYS A 156 12.26 -14.14 10.26
CA CYS A 156 13.56 -13.49 10.25
C CYS A 156 13.94 -12.84 11.57
N MET A 157 13.00 -12.72 12.50
CA MET A 157 13.30 -12.06 13.78
C MET A 157 13.75 -13.08 14.80
N ASP A 158 14.79 -12.73 15.55
CA ASP A 158 15.29 -13.63 16.58
C ASP A 158 14.19 -13.81 17.64
N ASP A 159 14.14 -14.98 18.25
CA ASP A 159 13.12 -15.25 19.28
C ASP A 159 13.12 -14.37 20.51
N SER A 160 14.27 -13.75 20.77
CA SER A 160 14.43 -12.83 21.90
C SER A 160 13.74 -11.49 21.58
N GLY A 161 13.61 -11.19 20.28
CA GLY A 161 13.05 -9.93 19.86
C GLY A 161 14.15 -8.89 19.82
N ASN A 162 15.41 -9.31 20.02
CA ASN A 162 16.53 -8.37 20.02
C ASN A 162 17.04 -7.91 18.67
N GLY A 163 16.66 -8.59 17.61
CA GLY A 163 17.11 -8.17 16.31
C GLY A 163 16.95 -9.33 15.36
N LEU A 164 17.38 -9.13 14.13
CA LEU A 164 17.25 -10.14 13.10
C LEU A 164 18.13 -11.36 13.38
N ARG A 165 17.61 -12.51 12.99
CA ARG A 165 18.24 -13.80 13.14
C ARG A 165 19.45 -13.94 12.20
N SER A 166 20.51 -14.62 12.63
CA SER A 166 21.62 -14.79 11.69
C SER A 166 21.16 -15.86 10.66
N SER A 167 21.50 -15.63 9.41
CA SER A 167 21.15 -16.50 8.29
C SER A 167 22.08 -16.16 7.12
N ILE A 168 22.07 -16.96 6.06
CA ILE A 168 22.94 -16.64 4.93
C ILE A 168 22.63 -15.23 4.38
N TRP A 169 21.35 -14.86 4.29
CA TRP A 169 20.95 -13.53 3.77
C TRP A 169 21.41 -12.41 4.69
N ARG A 170 21.14 -12.57 5.98
CA ARG A 170 21.51 -11.55 6.95
C ARG A 170 23.01 -11.34 7.11
N ASN A 171 23.74 -12.44 7.19
CA ASN A 171 25.17 -12.40 7.44
C ASN A 171 25.98 -11.86 6.26
N VAL A 172 25.60 -12.29 5.05
CA VAL A 172 26.31 -11.85 3.83
C VAL A 172 25.90 -10.47 3.31
N ILE A 173 24.60 -10.20 3.23
CA ILE A 173 24.13 -8.92 2.72
C ILE A 173 24.24 -7.80 3.74
N GLY A 174 23.80 -8.06 4.98
CA GLY A 174 23.86 -7.01 5.98
C GLY A 174 22.50 -6.73 6.58
N GLN A 175 22.46 -5.69 7.42
CA GLN A 175 21.24 -5.36 8.14
C GLN A 175 20.03 -4.89 7.34
N ASP A 176 20.25 -4.43 6.11
CA ASP A 176 19.16 -3.93 5.26
C ASP A 176 18.65 -4.93 4.21
N TYR A 177 19.00 -6.20 4.35
CA TYR A 177 18.59 -7.18 3.35
C TYR A 177 17.08 -7.27 3.11
N LEU A 178 16.25 -7.08 4.15
CA LEU A 178 14.79 -7.14 3.95
C LEU A 178 14.22 -5.99 3.15
N ASP A 179 14.87 -4.82 3.20
CA ASP A 179 14.40 -3.68 2.42
C ASP A 179 14.46 -4.03 0.92
N TYR A 180 15.53 -4.74 0.52
CA TYR A 180 15.71 -5.16 -0.86
C TYR A 180 14.70 -6.22 -1.25
N ALA A 181 14.45 -7.20 -0.38
CA ALA A 181 13.51 -8.27 -0.70
C ALA A 181 12.14 -7.69 -1.02
N PHE A 182 11.66 -6.77 -0.17
CA PHE A 182 10.34 -6.14 -0.40
C PHE A 182 10.29 -5.25 -1.66
N ARG A 183 11.37 -4.49 -1.92
CA ARG A 183 11.44 -3.66 -3.13
C ARG A 183 11.41 -4.51 -4.39
N TYR A 184 12.19 -5.60 -4.41
CA TYR A 184 12.24 -6.51 -5.57
C TYR A 184 10.86 -7.14 -5.80
N ALA A 185 10.19 -7.50 -4.71
CA ALA A 185 8.87 -8.13 -4.80
C ALA A 185 7.83 -7.18 -5.36
N ARG A 186 7.84 -5.94 -4.89
CA ARG A 186 6.88 -4.94 -5.37
C ARG A 186 7.08 -4.67 -6.86
N GLU A 187 8.33 -4.67 -7.33
CA GLU A 187 8.59 -4.45 -8.75
C GLU A 187 8.08 -5.64 -9.59
N ALA A 188 8.26 -6.87 -9.07
CA ALA A 188 7.86 -8.08 -9.80
C ALA A 188 6.36 -8.20 -10.02
N ASP A 189 5.57 -7.88 -9.00
CA ASP A 189 4.12 -7.96 -9.12
C ASP A 189 3.52 -6.85 -8.27
N PRO A 190 3.31 -5.68 -8.87
CA PRO A 190 2.74 -4.54 -8.13
C PRO A 190 1.33 -4.73 -7.56
N ASP A 191 0.63 -5.78 -7.96
CA ASP A 191 -0.72 -6.04 -7.46
C ASP A 191 -0.78 -7.01 -6.25
N ALA A 192 0.33 -7.69 -5.98
CA ALA A 192 0.40 -8.63 -4.87
C ALA A 192 0.48 -7.90 -3.52
N LEU A 193 -0.16 -8.44 -2.48
CA LEU A 193 -0.03 -7.87 -1.15
C LEU A 193 1.18 -8.59 -0.56
N LEU A 194 2.13 -7.81 -0.08
CA LEU A 194 3.38 -8.34 0.44
C LEU A 194 3.37 -8.43 1.96
N PHE A 195 3.68 -9.63 2.45
CA PHE A 195 3.68 -9.93 3.90
C PHE A 195 5.02 -10.36 4.49
N TYR A 196 5.20 -10.02 5.77
CA TYR A 196 6.30 -10.48 6.61
C TYR A 196 5.55 -11.47 7.54
N ASN A 197 5.99 -12.72 7.59
CA ASN A 197 5.31 -13.80 8.32
C ASN A 197 6.18 -14.34 9.44
N ASP A 198 5.62 -14.54 10.63
CA ASP A 198 6.44 -15.04 11.76
C ASP A 198 5.55 -15.62 12.85
N TYR A 199 6.18 -16.28 13.83
CA TYR A 199 5.46 -16.91 14.95
C TYR A 199 5.81 -16.17 16.26
N ASN A 200 4.94 -16.30 17.28
CA ASN A 200 5.17 -15.62 18.58
C ASN A 200 5.25 -14.10 18.47
N ILE A 201 4.48 -13.52 17.53
CA ILE A 201 4.39 -12.08 17.31
C ILE A 201 2.91 -11.60 17.38
N GLU A 202 2.03 -12.47 17.89
CA GLU A 202 0.60 -12.18 17.96
C GLU A 202 0.13 -11.35 19.17
N ASP A 203 0.87 -11.47 20.28
CA ASP A 203 0.53 -10.77 21.53
C ASP A 203 1.23 -9.40 21.62
N LEU A 204 1.49 -8.94 22.84
CA LEU A 204 2.17 -7.65 23.00
C LEU A 204 3.51 -7.85 23.73
N GLY A 205 4.10 -9.03 23.56
CA GLY A 205 5.39 -9.37 24.15
C GLY A 205 6.60 -8.78 23.40
N PRO A 206 7.84 -9.03 23.89
CA PRO A 206 9.03 -8.48 23.23
C PRO A 206 9.23 -8.79 21.74
N LYS A 207 9.02 -10.03 21.30
CA LYS A 207 9.21 -10.34 19.88
C LYS A 207 8.14 -9.62 19.04
N SER A 208 6.90 -9.56 19.55
CA SER A 208 5.82 -8.87 18.86
C SER A 208 6.14 -7.38 18.70
N ASN A 209 6.64 -6.79 19.78
CA ASN A 209 7.01 -5.37 19.75
C ASN A 209 8.17 -5.12 18.77
N ALA A 210 9.13 -6.04 18.71
CA ALA A 210 10.28 -5.90 17.80
C ALA A 210 9.78 -5.93 16.33
N VAL A 211 8.86 -6.84 16.01
CA VAL A 211 8.31 -6.94 14.65
C VAL A 211 7.45 -5.73 14.28
N PHE A 212 6.61 -5.25 15.20
CA PHE A 212 5.79 -4.07 14.94
C PHE A 212 6.67 -2.83 14.64
N ASN A 213 7.67 -2.60 15.48
CA ASN A 213 8.57 -1.45 15.29
C ASN A 213 9.37 -1.60 13.99
N MET A 214 9.75 -2.83 13.64
CA MET A 214 10.47 -3.07 12.39
C MET A 214 9.59 -2.68 11.20
N ILE A 215 8.35 -3.14 11.20
CA ILE A 215 7.44 -2.86 10.09
C ILE A 215 7.08 -1.39 10.03
N LYS A 216 6.83 -0.78 11.18
CA LYS A 216 6.52 0.64 11.23
C LYS A 216 7.70 1.47 10.64
N SER A 217 8.93 1.13 11.01
CA SER A 217 10.12 1.81 10.52
C SER A 217 10.31 1.61 9.00
N MET A 218 10.10 0.38 8.51
CA MET A 218 10.22 0.10 7.08
C MET A 218 9.29 1.00 6.31
N LYS A 219 8.04 1.09 6.76
CA LYS A 219 7.08 1.97 6.08
C LYS A 219 7.48 3.43 6.13
N GLU A 220 8.05 3.88 7.25
CA GLU A 220 8.46 5.28 7.35
C GLU A 220 9.63 5.60 6.43
N ARG A 221 10.32 4.57 5.94
CA ARG A 221 11.45 4.74 5.05
C ARG A 221 11.09 4.41 3.61
N GLY A 222 9.79 4.32 3.33
CA GLY A 222 9.33 4.01 1.97
C GLY A 222 9.46 2.58 1.45
N VAL A 223 9.73 1.61 2.32
CA VAL A 223 9.83 0.21 1.89
C VAL A 223 8.41 -0.30 1.72
N PRO A 224 8.10 -0.93 0.57
CA PRO A 224 6.75 -1.46 0.33
C PRO A 224 6.39 -2.74 1.09
N ILE A 225 5.63 -2.61 2.16
CA ILE A 225 5.18 -3.78 2.90
C ILE A 225 3.70 -3.53 3.20
N ASP A 226 2.86 -4.51 2.89
CA ASP A 226 1.43 -4.34 3.08
C ASP A 226 0.82 -5.04 4.30
N GLY A 227 1.36 -6.20 4.67
CA GLY A 227 0.78 -6.94 5.77
C GLY A 227 1.72 -7.71 6.65
N VAL A 228 1.18 -8.18 7.77
CA VAL A 228 1.94 -9.00 8.71
C VAL A 228 1.19 -10.32 8.87
N GLY A 229 1.90 -11.42 8.78
CA GLY A 229 1.29 -12.73 8.91
C GLY A 229 1.54 -13.29 10.29
N PHE A 230 0.46 -13.50 11.03
CA PHE A 230 0.52 -14.11 12.38
C PHE A 230 0.40 -15.63 12.16
N GLN A 231 1.45 -16.41 12.40
CA GLN A 231 1.36 -17.86 12.15
C GLN A 231 0.33 -18.56 13.03
N CYS A 232 0.16 -18.08 14.25
CA CYS A 232 -0.83 -18.65 15.17
C CYS A 232 -0.62 -20.13 15.55
N HIS A 233 0.62 -20.50 15.88
CA HIS A 233 0.91 -21.87 16.33
C HIS A 233 0.75 -21.79 17.86
N PHE A 234 -0.47 -22.01 18.31
CA PHE A 234 -0.87 -21.89 19.72
C PHE A 234 -1.02 -23.19 20.48
N ILE A 235 -1.00 -23.09 21.80
CA ILE A 235 -1.21 -24.27 22.65
C ILE A 235 -2.65 -24.23 23.18
N ASN A 236 -3.29 -25.39 23.24
CA ASN A 236 -4.68 -25.49 23.71
C ASN A 236 -4.85 -24.87 25.11
N GLY A 237 -5.95 -24.13 25.28
CA GLY A 237 -6.23 -23.51 26.56
C GLY A 237 -5.87 -22.05 26.70
N MET A 238 -5.93 -21.33 25.58
CA MET A 238 -5.64 -19.90 25.55
C MET A 238 -6.55 -19.14 26.52
N SER A 239 -5.96 -18.23 27.29
CA SER A 239 -6.71 -17.43 28.24
C SER A 239 -7.39 -16.22 27.59
N PRO A 240 -8.43 -15.65 28.25
CA PRO A 240 -9.11 -14.49 27.66
C PRO A 240 -8.15 -13.29 27.58
N GLU A 241 -7.22 -13.19 28.52
CA GLU A 241 -6.29 -12.09 28.52
C GLU A 241 -5.34 -12.20 27.34
N TYR A 242 -4.94 -13.43 27.01
CA TYR A 242 -4.03 -13.66 25.89
C TYR A 242 -4.77 -13.26 24.62
N LEU A 243 -5.99 -13.75 24.47
CA LEU A 243 -6.81 -13.44 23.31
C LEU A 243 -7.03 -11.93 23.23
N ALA A 244 -7.24 -11.28 24.36
CA ALA A 244 -7.44 -9.84 24.35
C ALA A 244 -6.19 -9.10 23.83
N SER A 245 -4.99 -9.63 24.15
CA SER A 245 -3.75 -8.97 23.70
C SER A 245 -3.55 -9.08 22.16
N ILE A 246 -4.01 -10.17 21.58
CA ILE A 246 -3.94 -10.37 20.12
C ILE A 246 -4.82 -9.32 19.45
N ASP A 247 -6.04 -9.12 19.98
CA ASP A 247 -6.95 -8.10 19.40
C ASP A 247 -6.33 -6.69 19.46
N GLN A 248 -5.72 -6.32 20.59
CA GLN A 248 -5.10 -5.01 20.71
C GLN A 248 -3.91 -4.89 19.72
N ASN A 249 -3.17 -5.96 19.55
CA ASN A 249 -2.03 -5.94 18.62
C ASN A 249 -2.56 -5.70 17.19
N ILE A 250 -3.68 -6.32 16.81
CA ILE A 250 -4.25 -6.13 15.48
C ILE A 250 -4.63 -4.65 15.28
N LYS A 251 -5.17 -4.03 16.32
CA LYS A 251 -5.57 -2.63 16.27
C LYS A 251 -4.39 -1.69 16.08
N ARG A 252 -3.23 -1.96 16.71
CA ARG A 252 -2.08 -1.09 16.51
C ARG A 252 -1.54 -1.23 15.07
N TYR A 253 -1.66 -2.41 14.46
CA TYR A 253 -1.25 -2.54 13.05
C TYR A 253 -2.19 -1.72 12.15
N ALA A 254 -3.48 -1.70 12.47
CA ALA A 254 -4.44 -0.90 11.68
C ALA A 254 -4.07 0.60 11.75
N GLU A 255 -3.56 1.04 12.91
CA GLU A 255 -3.18 2.44 13.04
C GLU A 255 -2.00 2.87 12.16
N ILE A 256 -1.19 1.89 11.74
CA ILE A 256 -0.08 2.17 10.84
C ILE A 256 -0.42 1.70 9.40
N GLY A 257 -1.69 1.38 9.17
CA GLY A 257 -2.16 0.96 7.86
C GLY A 257 -1.73 -0.40 7.36
N VAL A 258 -1.48 -1.34 8.26
CA VAL A 258 -1.04 -2.67 7.87
C VAL A 258 -2.16 -3.69 8.08
N ILE A 259 -2.34 -4.59 7.13
CA ILE A 259 -3.35 -5.62 7.26
C ILE A 259 -2.71 -6.86 7.92
N VAL A 260 -3.54 -7.64 8.58
CA VAL A 260 -3.09 -8.82 9.29
C VAL A 260 -3.76 -10.06 8.74
N SER A 261 -2.98 -11.12 8.52
CA SER A 261 -3.54 -12.42 8.11
C SER A 261 -3.13 -13.48 9.15
N PHE A 262 -4.06 -14.39 9.49
CA PHE A 262 -3.74 -15.51 10.38
C PHE A 262 -3.31 -16.56 9.33
N THR A 263 -2.06 -16.98 9.36
CA THR A 263 -1.52 -17.80 8.27
C THR A 263 -1.24 -19.28 8.44
N GLU A 264 -1.05 -19.75 9.67
CA GLU A 264 -0.72 -21.15 9.86
C GLU A 264 -1.34 -21.66 11.17
N ILE A 265 -2.60 -21.32 11.38
CA ILE A 265 -3.24 -21.68 12.65
C ILE A 265 -3.31 -23.16 12.97
N ASP A 266 -2.87 -23.48 14.18
CA ASP A 266 -3.06 -24.84 14.72
C ASP A 266 -3.06 -24.70 16.24
N ILE A 267 -3.81 -25.55 16.92
CA ILE A 267 -3.95 -25.45 18.40
C ILE A 267 -3.62 -26.82 19.00
N ARG A 268 -2.37 -26.97 19.42
CA ARG A 268 -1.85 -28.23 19.88
C ARG A 268 -2.25 -28.66 21.28
N ILE A 269 -2.53 -29.95 21.41
CA ILE A 269 -2.99 -30.56 22.66
C ILE A 269 -1.98 -31.57 23.24
N PRO A 270 -1.65 -31.42 24.55
CA PRO A 270 -0.70 -32.33 25.24
C PRO A 270 -1.26 -33.76 25.15
N GLN A 271 -0.41 -34.71 24.78
CA GLN A 271 -0.77 -36.12 24.58
C GLN A 271 -1.44 -36.76 25.80
N SER A 272 -1.15 -36.20 26.96
CA SER A 272 -1.68 -36.68 28.23
C SER A 272 -3.07 -36.14 28.65
N GLU A 273 -3.49 -34.99 28.12
CA GLU A 273 -4.81 -34.38 28.42
C GLU A 273 -5.89 -35.40 27.97
N ASN A 274 -7.07 -35.37 28.61
CA ASN A 274 -8.16 -36.29 28.19
C ASN A 274 -8.69 -35.70 26.88
N PRO A 275 -8.72 -36.49 25.77
CA PRO A 275 -9.18 -36.07 24.45
C PRO A 275 -10.54 -35.42 24.37
N ALA A 276 -11.54 -36.09 24.93
CA ALA A 276 -12.92 -35.60 24.87
C ALA A 276 -13.15 -34.18 25.40
N THR A 277 -12.60 -33.87 26.56
CA THR A 277 -12.73 -32.52 27.11
C THR A 277 -11.68 -31.55 26.50
N ALA A 278 -10.49 -32.03 26.17
CA ALA A 278 -9.47 -31.18 25.52
C ALA A 278 -10.04 -30.66 24.18
N PHE A 279 -10.80 -31.48 23.47
CA PHE A 279 -11.42 -31.08 22.18
C PHE A 279 -12.45 -29.96 22.34
N GLN A 280 -13.13 -29.90 23.49
CA GLN A 280 -14.09 -28.85 23.76
C GLN A 280 -13.40 -27.50 24.00
N VAL A 281 -12.28 -27.54 24.74
CA VAL A 281 -11.49 -26.34 25.00
C VAL A 281 -10.93 -25.82 23.64
N GLN A 282 -10.38 -26.74 22.85
CA GLN A 282 -9.83 -26.41 21.52
C GLN A 282 -10.90 -25.75 20.66
N ALA A 283 -12.12 -26.28 20.68
CA ALA A 283 -13.24 -25.69 19.92
C ALA A 283 -13.51 -24.26 20.34
N ASN A 284 -13.49 -23.97 21.65
CA ASN A 284 -13.73 -22.60 22.09
C ASN A 284 -12.60 -21.67 21.71
N ASN A 285 -11.36 -22.19 21.71
CA ASN A 285 -10.20 -21.37 21.33
C ASN A 285 -10.33 -21.02 19.85
N TYR A 286 -10.69 -22.00 19.02
CA TYR A 286 -10.87 -21.72 17.57
C TYR A 286 -11.99 -20.69 17.37
N LYS A 287 -13.09 -20.84 18.13
CA LYS A 287 -14.21 -19.93 18.02
C LYS A 287 -13.80 -18.48 18.37
N GLU A 288 -13.08 -18.32 19.47
CA GLU A 288 -12.62 -17.00 19.89
C GLU A 288 -11.67 -16.37 18.85
N LEU A 289 -10.80 -17.16 18.25
CA LEU A 289 -9.88 -16.64 17.21
C LEU A 289 -10.70 -16.10 16.01
N MET A 290 -11.70 -16.86 15.59
CA MET A 290 -12.56 -16.41 14.50
C MET A 290 -13.30 -15.12 14.86
N LYS A 291 -13.78 -15.00 16.11
CA LYS A 291 -14.45 -13.77 16.52
C LYS A 291 -13.51 -12.56 16.45
N ILE A 292 -12.23 -12.77 16.74
CA ILE A 292 -11.27 -11.67 16.65
C ILE A 292 -11.10 -11.27 15.17
N CYS A 293 -11.06 -12.26 14.28
CA CYS A 293 -10.93 -11.99 12.86
C CYS A 293 -12.18 -11.18 12.39
N LEU A 294 -13.38 -11.61 12.77
CA LEU A 294 -14.60 -10.91 12.38
C LEU A 294 -14.72 -9.49 12.92
N ALA A 295 -14.10 -9.20 14.06
CA ALA A 295 -14.22 -7.87 14.67
C ALA A 295 -13.25 -6.81 14.18
N ASN A 296 -12.24 -7.23 13.41
CA ASN A 296 -11.23 -6.30 12.95
C ASN A 296 -11.27 -6.16 11.43
N PRO A 297 -11.59 -4.95 10.93
CA PRO A 297 -11.68 -4.71 9.47
C PRO A 297 -10.38 -4.96 8.65
N ASN A 298 -9.20 -4.87 9.29
CA ASN A 298 -7.91 -5.11 8.61
C ASN A 298 -7.40 -6.56 8.72
N CYS A 299 -8.26 -7.49 9.16
CA CYS A 299 -7.86 -8.91 9.30
C CYS A 299 -8.95 -9.75 8.65
N ASN A 300 -8.74 -10.25 7.43
CA ASN A 300 -9.78 -11.01 6.72
C ASN A 300 -9.35 -12.34 6.09
N THR A 301 -8.21 -12.86 6.54
CA THR A 301 -7.69 -14.12 6.01
C THR A 301 -7.45 -15.02 7.24
N PHE A 302 -8.07 -16.19 7.21
CA PHE A 302 -8.02 -17.16 8.32
C PHE A 302 -7.57 -18.51 7.72
N VAL A 303 -6.26 -18.79 7.77
CA VAL A 303 -5.72 -20.02 7.22
C VAL A 303 -5.16 -20.91 8.31
N MET A 304 -5.56 -22.17 8.29
CA MET A 304 -5.10 -23.18 9.27
C MET A 304 -4.00 -24.04 8.61
N TRP A 305 -3.08 -24.54 9.41
CA TRP A 305 -2.01 -25.35 8.86
C TRP A 305 -2.42 -26.81 8.74
N GLY A 306 -3.41 -27.02 7.88
CA GLY A 306 -3.95 -28.33 7.63
C GLY A 306 -5.39 -28.38 8.12
N PHE A 307 -6.10 -29.47 7.86
CA PHE A 307 -7.48 -29.61 8.34
C PHE A 307 -7.78 -30.96 8.99
N THR A 308 -6.92 -31.96 8.82
CA THR A 308 -7.16 -33.25 9.47
C THR A 308 -5.95 -33.61 10.32
N ASP A 309 -6.22 -34.07 11.55
CA ASP A 309 -5.18 -34.49 12.46
C ASP A 309 -4.28 -35.57 11.87
N LYS A 310 -4.72 -36.21 10.78
CA LYS A 310 -3.95 -37.25 10.09
C LYS A 310 -2.61 -36.74 9.53
N TYR A 311 -2.60 -35.49 9.06
CA TYR A 311 -1.41 -34.86 8.47
C TYR A 311 -1.07 -33.55 9.17
N THR A 312 -0.01 -33.57 9.99
CA THR A 312 0.40 -32.37 10.70
C THR A 312 1.86 -32.42 11.13
N TRP A 313 2.54 -31.29 11.04
CA TRP A 313 3.93 -31.18 11.44
C TRP A 313 4.10 -31.10 12.97
N ILE A 314 2.99 -30.93 13.70
CA ILE A 314 3.09 -30.72 15.14
C ILE A 314 3.88 -31.71 16.00
N PRO A 315 3.59 -33.02 15.87
CA PRO A 315 4.32 -34.04 16.66
C PRO A 315 5.85 -34.05 16.46
N GLY A 316 6.29 -33.71 15.26
CA GLY A 316 7.72 -33.70 14.98
C GLY A 316 8.45 -32.51 15.56
N THR A 317 7.74 -31.42 15.77
CA THR A 317 8.41 -30.25 16.29
C THR A 317 8.16 -30.08 17.78
N PHE A 318 6.99 -30.52 18.23
CA PHE A 318 6.66 -30.43 19.63
C PHE A 318 6.32 -31.84 20.07
N PRO A 319 7.33 -32.69 20.32
CA PRO A 319 7.00 -34.06 20.75
C PRO A 319 6.19 -34.01 22.06
N GLY A 320 5.17 -34.85 22.13
CA GLY A 320 4.29 -34.83 23.28
C GLY A 320 2.97 -34.10 23.00
N TYR A 321 2.85 -33.41 21.85
CA TYR A 321 1.64 -32.66 21.46
C TYR A 321 1.07 -33.23 20.17
N GLY A 322 -0.21 -32.99 19.92
CA GLY A 322 -0.83 -33.49 18.70
C GLY A 322 -2.27 -33.02 18.56
N ASN A 323 -3.02 -33.71 17.69
CA ASN A 323 -4.45 -33.44 17.41
C ASN A 323 -4.76 -31.94 17.39
N PRO A 324 -4.09 -31.20 16.48
CA PRO A 324 -4.28 -29.75 16.41
C PRO A 324 -5.31 -29.15 15.49
N LEU A 325 -6.00 -29.98 14.72
CA LEU A 325 -6.87 -29.51 13.65
C LEU A 325 -8.39 -29.73 13.76
N ILE A 326 -9.17 -29.40 12.75
CA ILE A 326 -10.63 -29.47 12.87
C ILE A 326 -11.35 -30.74 12.50
N TYR A 327 -10.64 -31.67 11.85
CA TYR A 327 -11.17 -33.00 11.52
C TYR A 327 -10.19 -33.97 12.17
N ASP A 328 -10.72 -35.09 12.66
CA ASP A 328 -9.87 -36.07 13.26
C ASP A 328 -9.23 -36.89 12.16
N SER A 329 -8.43 -37.89 12.53
CA SER A 329 -7.73 -38.75 11.57
C SER A 329 -8.60 -39.59 10.69
N ASN A 330 -9.87 -39.75 11.07
CA ASN A 330 -10.84 -40.53 10.27
C ASN A 330 -11.79 -39.64 9.49
N TYR A 331 -11.45 -38.36 9.44
CA TYR A 331 -12.25 -37.35 8.75
C TYR A 331 -13.61 -37.04 9.38
N ASN A 332 -13.72 -37.30 10.68
CA ASN A 332 -14.94 -36.94 11.38
C ASN A 332 -14.68 -35.55 11.86
N PRO A 333 -15.63 -34.63 11.65
CA PRO A 333 -15.42 -33.25 12.11
C PRO A 333 -15.37 -33.26 13.66
N LYS A 334 -14.43 -32.51 14.21
CA LYS A 334 -14.27 -32.38 15.66
C LYS A 334 -15.16 -31.20 16.14
N PRO A 335 -15.28 -30.99 17.46
CA PRO A 335 -16.11 -29.87 17.94
C PRO A 335 -15.70 -28.52 17.32
N ALA A 336 -14.40 -28.37 17.05
CA ALA A 336 -13.85 -27.14 16.49
C ALA A 336 -14.50 -26.72 15.15
N TYR A 337 -14.85 -27.69 14.31
CA TYR A 337 -15.48 -27.40 13.04
C TYR A 337 -16.83 -26.70 13.23
N ASN A 338 -17.66 -27.24 14.11
CA ASN A 338 -18.94 -26.58 14.35
C ASN A 338 -18.79 -25.26 15.06
N ALA A 339 -17.80 -25.16 15.92
CA ALA A 339 -17.56 -23.92 16.66
C ALA A 339 -17.21 -22.78 15.71
N ILE A 340 -16.38 -23.05 14.70
CA ILE A 340 -16.01 -22.03 13.72
C ILE A 340 -17.29 -21.65 12.91
N LYS A 341 -18.06 -22.65 12.50
CA LYS A 341 -19.29 -22.41 11.75
C LYS A 341 -20.25 -21.52 12.59
N GLU A 342 -20.35 -21.77 13.90
CA GLU A 342 -21.19 -20.93 14.76
C GLU A 342 -20.72 -19.47 14.86
N ALA A 343 -19.41 -19.25 14.98
CA ALA A 343 -18.88 -17.88 15.04
C ALA A 343 -19.24 -17.13 13.75
N LEU A 344 -19.16 -17.83 12.60
CA LEU A 344 -19.47 -17.24 11.28
C LEU A 344 -20.94 -16.90 11.11
N MET A 345 -21.80 -17.60 11.83
CA MET A 345 -23.26 -17.36 11.80
C MET A 345 -23.68 -16.25 12.80
N ASN B 26 18.57 35.10 -4.59
CA ASN B 26 19.06 34.14 -5.63
C ASN B 26 18.37 32.76 -5.65
N ALA B 27 17.61 32.39 -4.62
CA ALA B 27 16.91 31.10 -4.63
C ALA B 27 15.71 31.16 -5.59
N LEU B 28 15.23 30.02 -6.06
CA LEU B 28 14.07 30.01 -6.94
C LEU B 28 12.89 30.78 -6.33
N ARG B 29 12.68 30.63 -5.01
CA ARG B 29 11.58 31.32 -4.33
C ARG B 29 11.63 32.86 -4.40
N ASP B 30 12.84 33.42 -4.41
CA ASP B 30 13.01 34.89 -4.50
C ASP B 30 12.55 35.45 -5.87
N TYR B 31 12.90 34.75 -6.95
CA TYR B 31 12.44 35.19 -8.28
C TYR B 31 10.96 34.94 -8.47
N ALA B 32 10.47 33.85 -7.88
CA ALA B 32 9.05 33.48 -7.99
C ALA B 32 8.21 34.52 -7.28
N GLU B 33 8.63 34.88 -6.08
CA GLU B 33 7.91 35.87 -5.29
C GLU B 33 7.82 37.21 -6.02
N ALA B 34 8.92 37.59 -6.67
CA ALA B 34 9.02 38.84 -7.44
C ALA B 34 7.98 38.88 -8.56
N ARG B 35 7.60 37.70 -9.05
CA ARG B 35 6.63 37.59 -10.14
C ARG B 35 5.20 37.26 -9.65
N GLY B 36 5.01 37.21 -8.33
CA GLY B 36 3.70 36.91 -7.77
C GLY B 36 3.25 35.45 -7.81
N ILE B 37 4.21 34.53 -7.89
CA ILE B 37 3.82 33.15 -7.93
C ILE B 37 4.51 32.35 -6.80
N LYS B 38 3.89 31.21 -6.44
CA LYS B 38 4.40 30.32 -5.40
C LYS B 38 4.98 29.13 -6.11
N ILE B 39 6.18 28.72 -5.70
CA ILE B 39 6.86 27.59 -6.30
C ILE B 39 7.08 26.57 -5.18
N GLY B 40 6.68 25.32 -5.41
CA GLY B 40 6.80 24.35 -4.35
C GLY B 40 7.13 22.95 -4.78
N THR B 41 7.02 22.04 -3.80
CA THR B 41 7.32 20.65 -4.01
C THR B 41 6.62 19.80 -2.95
N CYS B 42 6.39 18.53 -3.26
CA CYS B 42 5.83 17.63 -2.26
C CYS B 42 7.04 17.26 -1.39
N VAL B 43 6.78 16.88 -0.14
CA VAL B 43 7.84 16.52 0.80
C VAL B 43 7.90 14.99 0.97
N ASN B 44 9.07 14.45 0.63
CA ASN B 44 9.37 13.01 0.64
C ASN B 44 9.70 12.53 2.08
N TYR B 45 9.70 11.21 2.26
CA TYR B 45 9.95 10.63 3.59
C TYR B 45 11.18 11.06 4.40
N PRO B 46 12.32 11.39 3.74
CA PRO B 46 13.51 11.81 4.53
C PRO B 46 13.27 12.97 5.48
N PHE B 47 12.35 13.86 5.11
CA PHE B 47 12.03 15.00 5.96
C PHE B 47 11.57 14.56 7.37
N TYR B 48 10.74 13.53 7.43
CA TYR B 48 10.17 13.02 8.68
C TYR B 48 11.11 12.22 9.60
N ASN B 49 12.04 11.46 9.04
CA ASN B 49 12.95 10.73 9.92
C ASN B 49 14.38 11.27 9.95
N ASN B 50 14.56 12.45 9.36
CA ASN B 50 15.84 13.16 9.28
C ASN B 50 17.09 12.35 8.91
N SER B 51 16.99 11.60 7.83
CA SER B 51 18.07 10.76 7.35
C SER B 51 18.88 11.37 6.22
N ASP B 52 18.50 12.56 5.75
CA ASP B 52 19.19 13.21 4.63
C ASP B 52 19.22 14.72 4.85
N PRO B 53 20.25 15.19 5.57
CA PRO B 53 20.41 16.61 5.88
C PRO B 53 20.50 17.51 4.64
N THR B 54 21.03 17.00 3.54
CA THR B 54 21.12 17.81 2.32
C THR B 54 19.72 18.08 1.79
N TYR B 55 18.86 17.04 1.82
CA TYR B 55 17.48 17.17 1.37
C TYR B 55 16.81 18.37 2.09
N ASN B 56 16.93 18.39 3.42
CA ASN B 56 16.32 19.45 4.23
C ASN B 56 16.87 20.83 3.94
N SER B 57 18.17 20.94 3.73
CA SER B 57 18.70 22.29 3.52
C SER B 57 18.28 22.93 2.19
N ILE B 58 18.12 22.11 1.14
CA ILE B 58 17.68 22.62 -0.17
C ILE B 58 16.19 22.98 -0.06
N LEU B 59 15.41 22.10 0.56
CA LEU B 59 13.96 22.28 0.76
C LEU B 59 13.65 23.60 1.44
N GLN B 60 14.31 23.89 2.56
CA GLN B 60 14.03 25.11 3.33
C GLN B 60 14.50 26.40 2.68
N ARG B 61 15.40 26.25 1.71
CA ARG B 61 15.99 27.36 1.01
C ARG B 61 15.33 27.79 -0.31
N GLU B 62 15.00 26.81 -1.15
CA GLU B 62 14.51 27.10 -2.51
C GLU B 62 13.03 27.27 -2.78
N PHE B 63 12.18 26.76 -1.88
CA PHE B 63 10.72 26.79 -2.12
C PHE B 63 9.87 27.66 -1.21
N SER B 64 8.73 28.11 -1.74
CA SER B 64 7.83 28.93 -0.96
C SER B 64 6.52 28.20 -0.66
N MET B 65 6.43 26.93 -1.05
CA MET B 65 5.21 26.14 -0.84
C MET B 65 5.55 24.66 -0.73
N VAL B 66 4.88 23.97 0.18
CA VAL B 66 5.07 22.53 0.39
C VAL B 66 3.72 21.80 0.41
N VAL B 67 3.75 20.49 0.14
CA VAL B 67 2.57 19.63 0.12
C VAL B 67 3.02 18.27 0.67
N CYS B 68 2.14 17.57 1.39
CA CYS B 68 2.46 16.24 1.92
C CYS B 68 2.28 15.23 0.80
N GLU B 69 3.30 14.43 0.54
CA GLU B 69 3.19 13.43 -0.52
C GLU B 69 2.14 12.34 -0.21
N ASN B 70 2.11 11.88 1.05
CA ASN B 70 1.22 10.79 1.46
C ASN B 70 0.59 10.92 2.83
N GLU B 71 1.15 11.79 3.66
CA GLU B 71 0.72 11.91 5.05
C GLU B 71 -0.64 12.54 5.35
N MET B 72 -1.28 13.11 4.34
CA MET B 72 -2.58 13.73 4.53
C MET B 72 -3.66 13.03 3.68
N LYS B 73 -3.35 11.81 3.22
CA LYS B 73 -4.34 11.03 2.51
C LYS B 73 -5.31 10.47 3.58
N PHE B 74 -6.46 9.96 3.16
CA PHE B 74 -7.49 9.44 4.07
C PHE B 74 -7.01 8.36 5.04
N ASP B 75 -6.31 7.35 4.55
CA ASP B 75 -5.79 6.27 5.38
C ASP B 75 -4.75 6.70 6.45
N ALA B 76 -4.00 7.76 6.17
CA ALA B 76 -2.99 8.28 7.10
C ALA B 76 -3.64 9.16 8.17
N LEU B 77 -4.65 9.94 7.78
CA LEU B 77 -5.32 10.86 8.71
C LEU B 77 -6.37 10.23 9.62
N GLN B 78 -7.12 9.25 9.12
CA GLN B 78 -8.15 8.57 9.95
C GLN B 78 -7.95 7.07 9.74
N PRO B 79 -6.87 6.50 10.31
CA PRO B 79 -6.57 5.07 10.15
C PRO B 79 -7.55 4.09 10.74
N ARG B 80 -8.28 4.54 11.75
CA ARG B 80 -9.33 3.74 12.38
C ARG B 80 -10.52 4.70 12.48
N GLN B 81 -11.74 4.18 12.48
CA GLN B 81 -12.90 5.04 12.52
C GLN B 81 -12.91 5.97 13.75
N ASN B 82 -12.97 7.27 13.48
CA ASN B 82 -12.94 8.33 14.47
C ASN B 82 -11.68 8.50 15.29
N VAL B 83 -10.57 7.98 14.76
CA VAL B 83 -9.27 8.15 15.37
C VAL B 83 -8.47 8.98 14.32
N PHE B 84 -8.11 10.21 14.67
CA PHE B 84 -7.39 11.13 13.74
C PHE B 84 -5.92 11.32 14.11
N ASP B 85 -5.03 11.13 13.15
CA ASP B 85 -3.61 11.26 13.41
C ASP B 85 -3.09 12.51 12.69
N PHE B 86 -2.87 13.60 13.43
CA PHE B 86 -2.38 14.84 12.84
C PHE B 86 -0.87 15.01 13.05
N SER B 87 -0.20 14.00 13.58
CA SER B 87 1.21 14.15 13.90
C SER B 87 2.15 14.63 12.78
N LYS B 88 2.15 13.95 11.64
CA LYS B 88 3.04 14.31 10.53
C LYS B 88 2.62 15.59 9.85
N GLY B 89 1.32 15.78 9.65
CA GLY B 89 0.85 17.00 9.02
C GLY B 89 1.20 18.22 9.85
N ASP B 90 1.04 18.13 11.17
CA ASP B 90 1.34 19.26 12.05
C ASP B 90 2.85 19.54 12.10
N GLN B 91 3.65 18.49 11.92
CA GLN B 91 5.12 18.63 11.89
C GLN B 91 5.51 19.43 10.63
N LEU B 92 4.92 19.09 9.49
CA LEU B 92 5.22 19.83 8.26
C LEU B 92 4.73 21.27 8.35
N LEU B 93 3.55 21.48 8.93
CA LEU B 93 3.05 22.84 9.07
C LEU B 93 3.97 23.75 9.91
N ALA B 94 4.48 23.24 11.03
CA ALA B 94 5.37 24.03 11.87
C ALA B 94 6.62 24.44 11.07
N PHE B 95 7.16 23.49 10.30
CA PHE B 95 8.34 23.73 9.45
C PHE B 95 8.02 24.83 8.43
N ALA B 96 6.85 24.73 7.77
CA ALA B 96 6.38 25.70 6.76
C ALA B 96 6.30 27.09 7.39
N GLU B 97 5.76 27.15 8.59
CA GLU B 97 5.62 28.40 9.28
C GLU B 97 6.94 29.08 9.66
N ARG B 98 7.93 28.34 10.14
CA ARG B 98 9.19 29.02 10.48
C ARG B 98 10.07 29.35 9.23
N ASN B 99 9.64 28.87 8.07
CA ASN B 99 10.35 29.12 6.81
C ASN B 99 9.60 29.99 5.81
N GLY B 100 8.55 30.63 6.30
CA GLY B 100 7.75 31.51 5.46
C GLY B 100 7.14 30.85 4.24
N MET B 101 6.74 29.59 4.37
CA MET B 101 6.13 28.86 3.27
C MET B 101 4.63 28.67 3.45
N GLN B 102 3.94 28.48 2.33
CA GLN B 102 2.51 28.22 2.34
C GLN B 102 2.38 26.72 2.13
N MET B 103 1.20 26.18 2.41
CA MET B 103 0.96 24.75 2.30
C MET B 103 -0.32 24.41 1.55
N ARG B 104 -0.28 23.35 0.74
CA ARG B 104 -1.48 22.86 0.06
C ARG B 104 -1.90 21.57 0.83
N GLY B 105 -3.20 21.31 0.92
CA GLY B 105 -3.69 20.12 1.59
C GLY B 105 -4.00 19.09 0.53
N HIS B 106 -3.47 17.89 0.66
CA HIS B 106 -3.67 16.84 -0.34
C HIS B 106 -3.82 15.53 0.44
N THR B 107 -4.98 14.86 0.38
CA THR B 107 -6.19 15.21 -0.38
C THR B 107 -7.33 14.51 0.40
N LEU B 108 -8.54 15.02 0.31
CA LEU B 108 -9.65 14.48 1.09
C LEU B 108 -10.36 13.25 0.54
N ILE B 109 -10.93 13.37 -0.65
CA ILE B 109 -11.72 12.31 -1.25
C ILE B 109 -11.00 11.75 -2.48
N TRP B 110 -10.66 10.47 -2.43
CA TRP B 110 -9.95 9.80 -3.51
C TRP B 110 -10.39 8.33 -3.50
N HIS B 111 -10.22 7.63 -4.64
CA HIS B 111 -10.62 6.21 -4.72
C HIS B 111 -9.50 5.29 -4.25
N ASN B 112 -8.30 5.83 -4.07
CA ASN B 112 -7.15 5.03 -3.61
C ASN B 112 -6.76 5.41 -2.18
N GLN B 113 -5.96 4.54 -1.57
CA GLN B 113 -5.44 4.76 -0.23
C GLN B 113 -6.50 5.05 0.82
N ASN B 114 -7.55 4.24 0.81
CA ASN B 114 -8.63 4.36 1.80
C ASN B 114 -8.37 3.25 2.82
N PRO B 115 -8.63 3.53 4.11
CA PRO B 115 -8.38 2.51 5.14
C PRO B 115 -9.36 1.33 5.15
N SER B 116 -8.92 0.18 5.69
CA SER B 116 -9.74 -1.04 5.73
C SER B 116 -11.16 -0.85 6.29
N TRP B 117 -11.29 -0.04 7.34
CA TRP B 117 -12.61 0.16 7.95
C TRP B 117 -13.62 0.80 6.99
N LEU B 118 -13.11 1.60 6.06
CA LEU B 118 -13.97 2.25 5.08
C LEU B 118 -14.28 1.31 3.91
N THR B 119 -13.24 0.77 3.28
CA THR B 119 -13.47 -0.10 2.15
C THR B 119 -14.22 -1.42 2.50
N ASN B 120 -13.99 -1.96 3.71
CA ASN B 120 -14.63 -3.20 4.16
C ASN B 120 -15.93 -2.96 4.97
N GLY B 121 -16.31 -1.70 5.14
CA GLY B 121 -17.50 -1.35 5.90
C GLY B 121 -18.81 -1.62 5.21
N ASN B 122 -19.90 -1.49 5.96
CA ASN B 122 -21.25 -1.74 5.47
C ASN B 122 -21.95 -0.35 5.40
N TRP B 123 -22.10 0.20 4.20
CA TRP B 123 -22.65 1.55 4.03
C TRP B 123 -23.84 1.72 3.09
N ASN B 124 -24.54 2.84 3.28
CA ASN B 124 -25.61 3.24 2.38
C ASN B 124 -25.35 4.73 2.15
N ARG B 125 -26.14 5.35 1.28
CA ARG B 125 -25.94 6.76 0.96
C ARG B 125 -25.85 7.71 2.17
N ASP B 126 -26.82 7.61 3.10
CA ASP B 126 -26.83 8.51 4.25
C ASP B 126 -25.68 8.29 5.22
N SER B 127 -25.33 7.03 5.47
CA SER B 127 -24.27 6.75 6.41
C SER B 127 -22.91 7.10 5.83
N LEU B 128 -22.71 6.89 4.53
CA LEU B 128 -21.42 7.25 3.93
C LEU B 128 -21.28 8.77 3.82
N LEU B 129 -22.38 9.50 3.58
CA LEU B 129 -22.33 10.96 3.55
C LEU B 129 -21.90 11.53 4.92
N ALA B 130 -22.41 10.90 6.01
CA ALA B 130 -22.06 11.33 7.38
C ALA B 130 -20.56 11.09 7.64
N VAL B 131 -20.01 9.98 7.16
CA VAL B 131 -18.56 9.70 7.29
C VAL B 131 -17.76 10.79 6.50
N MET B 132 -18.23 11.11 5.29
CA MET B 132 -17.57 12.12 4.47
C MET B 132 -17.54 13.47 5.19
N LYS B 133 -18.70 13.86 5.71
CA LYS B 133 -18.81 15.13 6.42
C LYS B 133 -17.87 15.19 7.64
N ASN B 134 -17.85 14.13 8.43
CA ASN B 134 -17.01 14.10 9.64
C ASN B 134 -15.50 14.19 9.29
N HIS B 135 -15.08 13.46 8.25
CA HIS B 135 -13.68 13.51 7.87
C HIS B 135 -13.29 14.90 7.38
N ILE B 136 -14.07 15.43 6.44
CA ILE B 136 -13.75 16.74 5.88
C ILE B 136 -13.76 17.83 6.95
N THR B 137 -14.80 17.84 7.78
CA THR B 137 -14.92 18.87 8.82
C THR B 137 -13.81 18.75 9.89
N THR B 138 -13.56 17.54 10.38
CA THR B 138 -12.55 17.37 11.44
C THR B 138 -11.15 17.77 10.94
N VAL B 139 -10.79 17.31 9.75
CA VAL B 139 -9.48 17.63 9.17
C VAL B 139 -9.32 19.13 8.85
N MET B 140 -10.28 19.71 8.12
CA MET B 140 -10.15 21.13 7.74
C MET B 140 -10.22 22.10 8.91
N THR B 141 -11.02 21.78 9.94
CA THR B 141 -11.07 22.69 11.09
C THR B 141 -9.76 22.65 11.88
N HIS B 142 -9.07 21.51 11.93
CA HIS B 142 -7.78 21.44 12.62
C HIS B 142 -6.77 22.37 11.93
N TYR B 143 -6.90 22.53 10.62
CA TYR B 143 -5.97 23.40 9.87
C TYR B 143 -6.64 24.69 9.40
N LYS B 144 -7.75 25.06 10.04
CA LYS B 144 -8.48 26.24 9.63
C LYS B 144 -7.62 27.51 9.50
N GLY B 145 -7.67 28.11 8.31
CA GLY B 145 -6.92 29.33 8.04
C GLY B 145 -5.41 29.15 7.86
N LYS B 146 -4.91 27.90 7.86
CA LYS B 146 -3.47 27.60 7.71
C LYS B 146 -3.07 27.01 6.34
N ILE B 147 -4.04 26.47 5.61
CA ILE B 147 -3.79 25.83 4.32
C ILE B 147 -4.53 26.59 3.24
N VAL B 148 -3.75 27.19 2.35
CA VAL B 148 -4.27 28.04 1.30
C VAL B 148 -5.08 27.36 0.18
N GLU B 149 -4.68 26.16 -0.23
CA GLU B 149 -5.37 25.45 -1.28
C GLU B 149 -5.58 24.02 -0.84
N TRP B 150 -6.79 23.50 -1.05
CA TRP B 150 -7.13 22.13 -0.68
C TRP B 150 -7.55 21.33 -1.89
N ASP B 151 -6.94 20.16 -2.07
CA ASP B 151 -7.40 19.25 -3.10
C ASP B 151 -8.54 18.48 -2.40
N VAL B 152 -9.77 18.98 -2.55
CA VAL B 152 -10.94 18.34 -1.96
C VAL B 152 -11.20 16.97 -2.56
N ALA B 153 -11.11 16.87 -3.88
CA ALA B 153 -11.36 15.63 -4.60
C ALA B 153 -10.16 15.43 -5.53
N ASN B 154 -9.83 14.17 -5.75
CA ASN B 154 -8.66 13.77 -6.54
C ASN B 154 -8.96 12.59 -7.48
N GLU B 155 -8.71 12.78 -8.78
CA GLU B 155 -8.86 11.69 -9.76
C GLU B 155 -10.22 10.98 -9.82
N CYS B 156 -11.28 11.76 -9.82
CA CYS B 156 -12.64 11.22 -9.84
C CYS B 156 -13.21 10.97 -11.23
N MET B 157 -12.61 11.53 -12.28
CA MET B 157 -13.13 11.34 -13.65
C MET B 157 -12.52 10.10 -14.29
N ASP B 158 -13.34 9.34 -15.00
CA ASP B 158 -12.83 8.14 -15.67
C ASP B 158 -11.89 8.59 -16.80
N ASP B 159 -10.87 7.81 -17.12
CA ASP B 159 -9.94 8.19 -18.20
C ASP B 159 -10.55 8.35 -19.61
N SER B 160 -11.70 7.70 -19.81
CA SER B 160 -12.44 7.78 -21.06
C SER B 160 -12.97 9.20 -21.23
N GLY B 161 -13.21 9.90 -20.12
CA GLY B 161 -13.78 11.22 -20.17
C GLY B 161 -15.29 11.08 -20.27
N ASN B 162 -15.81 9.85 -20.15
CA ASN B 162 -17.25 9.64 -20.26
C ASN B 162 -18.05 9.96 -19.03
N GLY B 163 -17.41 9.92 -17.88
CA GLY B 163 -18.13 10.22 -16.65
C GLY B 163 -17.26 9.90 -15.46
N LEU B 164 -17.84 9.98 -14.27
CA LEU B 164 -17.10 9.71 -13.04
C LEU B 164 -16.70 8.26 -12.90
N ARG B 165 -15.54 8.03 -12.33
CA ARG B 165 -15.11 6.67 -12.19
C ARG B 165 -15.79 5.99 -11.00
N SER B 166 -15.84 4.68 -11.12
CA SER B 166 -16.40 3.82 -10.10
C SER B 166 -15.48 3.91 -8.87
N SER B 167 -16.05 4.06 -7.68
CA SER B 167 -15.29 4.11 -6.44
C SER B 167 -16.29 3.94 -5.30
N ILE B 168 -15.81 3.77 -4.08
CA ILE B 168 -16.73 3.58 -2.94
C ILE B 168 -17.65 4.77 -2.77
N TRP B 169 -17.13 5.99 -2.96
CA TRP B 169 -17.94 7.21 -2.83
C TRP B 169 -19.02 7.33 -3.93
N ARG B 170 -18.59 7.13 -5.17
CA ARG B 170 -19.49 7.24 -6.32
C ARG B 170 -20.59 6.17 -6.33
N ASN B 171 -20.22 4.94 -6.01
CA ASN B 171 -21.16 3.80 -6.07
C ASN B 171 -22.22 3.82 -4.98
N VAL B 172 -21.78 4.06 -3.75
CA VAL B 172 -22.71 4.10 -2.61
C VAL B 172 -23.59 5.35 -2.51
N ILE B 173 -22.99 6.54 -2.66
CA ILE B 173 -23.72 7.78 -2.55
C ILE B 173 -24.52 8.12 -3.81
N GLY B 174 -23.87 8.09 -4.97
CA GLY B 174 -24.58 8.40 -6.19
C GLY B 174 -23.84 9.42 -7.02
N GLN B 175 -24.50 9.83 -8.08
CA GLN B 175 -23.85 10.76 -9.00
C GLN B 175 -23.49 12.15 -8.48
N ASP B 176 -24.14 12.60 -7.41
CA ASP B 176 -23.92 13.92 -6.84
C ASP B 176 -22.98 13.97 -5.65
N TYR B 177 -22.21 12.92 -5.42
CA TYR B 177 -21.34 12.91 -4.24
C TYR B 177 -20.36 14.09 -4.16
N LEU B 178 -19.85 14.56 -5.30
CA LEU B 178 -18.89 15.68 -5.31
C LEU B 178 -19.51 17.03 -4.91
N ASP B 179 -20.80 17.24 -5.23
CA ASP B 179 -21.46 18.48 -4.81
C ASP B 179 -21.41 18.59 -3.27
N TYR B 180 -21.61 17.46 -2.59
CA TYR B 180 -21.56 17.41 -1.11
C TYR B 180 -20.15 17.63 -0.55
N ALA B 181 -19.14 16.98 -1.14
CA ALA B 181 -17.75 17.13 -0.68
C ALA B 181 -17.37 18.60 -0.68
N PHE B 182 -17.66 19.31 -1.79
CA PHE B 182 -17.33 20.71 -1.88
C PHE B 182 -18.15 21.61 -0.94
N ARG B 183 -19.45 21.31 -0.78
CA ARG B 183 -20.29 22.10 0.16
C ARG B 183 -19.76 21.93 1.61
N TYR B 184 -19.42 20.71 1.99
CA TYR B 184 -18.90 20.43 3.33
C TYR B 184 -17.59 21.16 3.57
N ALA B 185 -16.73 21.17 2.55
CA ALA B 185 -15.44 21.84 2.66
C ALA B 185 -15.56 23.34 2.81
N ARG B 186 -16.47 23.94 2.05
CA ARG B 186 -16.68 25.37 2.11
C ARG B 186 -17.15 25.76 3.52
N GLU B 187 -18.03 24.96 4.11
CA GLU B 187 -18.51 25.27 5.47
C GLU B 187 -17.40 25.14 6.53
N ALA B 188 -16.51 24.15 6.37
CA ALA B 188 -15.45 23.92 7.36
C ALA B 188 -14.42 25.01 7.40
N ASP B 189 -14.02 25.52 6.24
CA ASP B 189 -13.05 26.59 6.22
C ASP B 189 -13.39 27.46 5.02
N PRO B 190 -14.11 28.54 5.27
CA PRO B 190 -14.53 29.51 4.24
C PRO B 190 -13.37 30.24 3.55
N ASP B 191 -12.20 30.25 4.17
CA ASP B 191 -11.03 30.95 3.60
C ASP B 191 -10.13 30.12 2.69
N ALA B 192 -10.32 28.80 2.65
CA ALA B 192 -9.52 27.92 1.80
C ALA B 192 -10.02 27.94 0.36
N LEU B 193 -9.08 27.85 -0.60
CA LEU B 193 -9.47 27.77 -2.01
C LEU B 193 -9.66 26.27 -2.23
N LEU B 194 -10.79 25.89 -2.78
CA LEU B 194 -11.15 24.48 -2.98
C LEU B 194 -10.86 24.04 -4.41
N PHE B 195 -10.14 22.93 -4.55
CA PHE B 195 -9.73 22.38 -5.87
C PHE B 195 -10.17 20.97 -6.18
N TYR B 196 -10.39 20.73 -7.46
CA TYR B 196 -10.63 19.40 -8.00
C TYR B 196 -9.26 19.14 -8.69
N ASN B 197 -8.58 18.05 -8.37
CA ASN B 197 -7.23 17.74 -8.88
C ASN B 197 -7.27 16.46 -9.74
N ASP B 198 -6.60 16.45 -10.90
CA ASP B 198 -6.61 15.26 -11.77
C ASP B 198 -5.43 15.30 -12.78
N TYR B 199 -5.19 14.14 -13.41
CA TYR B 199 -4.14 14.00 -14.41
C TYR B 199 -4.79 13.83 -15.82
N ASN B 200 -4.01 14.14 -16.84
CA ASN B 200 -4.46 14.07 -18.22
C ASN B 200 -5.69 14.93 -18.49
N ILE B 201 -5.76 16.09 -17.84
CA ILE B 201 -6.86 17.05 -18.03
C ILE B 201 -6.27 18.43 -18.42
N GLU B 202 -4.98 18.45 -18.77
CA GLU B 202 -4.29 19.70 -19.10
C GLU B 202 -4.48 20.22 -20.53
N ASP B 203 -4.72 19.32 -21.47
CA ASP B 203 -4.86 19.69 -22.90
C ASP B 203 -6.31 19.99 -23.27
N LEU B 204 -6.68 19.73 -24.53
CA LEU B 204 -8.08 19.93 -24.96
C LEU B 204 -8.71 18.58 -25.40
N GLY B 205 -8.21 17.49 -24.85
CA GLY B 205 -8.73 16.17 -25.18
C GLY B 205 -10.04 15.79 -24.49
N PRO B 206 -10.53 14.56 -24.71
CA PRO B 206 -11.79 14.09 -24.09
C PRO B 206 -11.88 14.22 -22.55
N LYS B 207 -10.88 13.74 -21.82
CA LYS B 207 -10.90 13.82 -20.37
C LYS B 207 -10.88 15.27 -19.91
N SER B 208 -10.06 16.12 -20.53
CA SER B 208 -10.01 17.54 -20.19
C SER B 208 -11.39 18.24 -20.41
N ASN B 209 -12.04 17.94 -21.54
CA ASN B 209 -13.35 18.56 -21.81
C ASN B 209 -14.40 18.10 -20.80
N ALA B 210 -14.35 16.83 -20.42
CA ALA B 210 -15.30 16.26 -19.42
C ALA B 210 -15.14 16.99 -18.07
N VAL B 211 -13.91 17.21 -17.62
CA VAL B 211 -13.66 17.91 -16.37
C VAL B 211 -14.05 19.40 -16.46
N PHE B 212 -13.74 20.03 -17.58
CA PHE B 212 -14.13 21.43 -17.74
C PHE B 212 -15.69 21.57 -17.67
N ASN B 213 -16.41 20.73 -18.41
CA ASN B 213 -17.88 20.78 -18.40
C ASN B 213 -18.42 20.52 -16.98
N MET B 214 -17.84 19.53 -16.27
CA MET B 214 -18.26 19.23 -14.90
C MET B 214 -18.11 20.44 -14.02
N ILE B 215 -16.94 21.08 -14.08
CA ILE B 215 -16.68 22.25 -13.28
C ILE B 215 -17.55 23.43 -13.68
N LYS B 216 -17.78 23.59 -14.98
CA LYS B 216 -18.63 24.66 -15.46
C LYS B 216 -20.03 24.50 -14.90
N SER B 217 -20.54 23.28 -14.94
CA SER B 217 -21.87 22.99 -14.45
C SER B 217 -21.98 23.22 -12.95
N MET B 218 -20.98 22.78 -12.20
CA MET B 218 -20.97 22.97 -10.75
C MET B 218 -21.04 24.46 -10.43
N LYS B 219 -20.26 25.27 -11.14
CA LYS B 219 -20.26 26.72 -10.94
C LYS B 219 -21.67 27.29 -11.24
N GLU B 220 -22.31 26.81 -12.31
CA GLU B 220 -23.64 27.27 -12.72
C GLU B 220 -24.73 26.92 -11.68
N ARG B 221 -24.58 25.78 -11.00
CA ARG B 221 -25.52 25.32 -9.97
C ARG B 221 -25.21 25.79 -8.55
N GLY B 222 -24.25 26.71 -8.39
CA GLY B 222 -23.87 27.24 -7.09
C GLY B 222 -22.99 26.36 -6.17
N VAL B 223 -22.41 25.30 -6.70
CA VAL B 223 -21.55 24.45 -5.89
C VAL B 223 -20.23 25.20 -5.70
N PRO B 224 -19.74 25.32 -4.45
CA PRO B 224 -18.50 26.04 -4.20
C PRO B 224 -17.18 25.37 -4.60
N ILE B 225 -16.70 25.67 -5.81
CA ILE B 225 -15.43 25.15 -6.30
C ILE B 225 -14.65 26.37 -6.82
N ASP B 226 -13.40 26.51 -6.40
CA ASP B 226 -12.55 27.66 -6.75
C ASP B 226 -11.49 27.42 -7.82
N GLY B 227 -10.95 26.21 -7.86
CA GLY B 227 -9.88 25.97 -8.80
C GLY B 227 -9.77 24.56 -9.30
N VAL B 228 -8.95 24.39 -10.32
CA VAL B 228 -8.70 23.08 -10.89
C VAL B 228 -7.20 22.82 -10.79
N GLY B 229 -6.86 21.61 -10.36
CA GLY B 229 -5.47 21.23 -10.23
C GLY B 229 -5.03 20.33 -11.38
N PHE B 230 -4.03 20.82 -12.14
CA PHE B 230 -3.45 20.08 -13.27
C PHE B 230 -2.22 19.36 -12.68
N GLN B 231 -2.29 18.04 -12.57
CA GLN B 231 -1.15 17.29 -12.02
C GLN B 231 0.16 17.47 -12.82
N CYS B 232 0.08 17.51 -14.14
CA CYS B 232 1.25 17.71 -15.01
C CYS B 232 2.31 16.60 -14.95
N HIS B 233 1.86 15.34 -14.98
CA HIS B 233 2.77 14.19 -15.02
C HIS B 233 3.01 13.95 -16.53
N PHE B 234 3.99 14.71 -17.05
CA PHE B 234 4.33 14.72 -18.48
C PHE B 234 5.53 13.86 -18.90
N ILE B 235 5.58 13.57 -20.20
CA ILE B 235 6.68 12.80 -20.81
C ILE B 235 7.59 13.82 -21.53
N ASN B 236 8.89 13.65 -21.37
CA ASN B 236 9.87 14.55 -21.96
C ASN B 236 9.66 14.71 -23.47
N GLY B 237 9.90 15.91 -24.00
CA GLY B 237 9.75 16.12 -25.43
C GLY B 237 8.37 16.60 -25.86
N MET B 238 7.76 17.41 -25.01
CA MET B 238 6.43 17.95 -25.26
C MET B 238 6.46 18.85 -26.50
N SER B 239 5.50 18.64 -27.39
CA SER B 239 5.39 19.40 -28.63
C SER B 239 4.83 20.81 -28.40
N PRO B 240 5.08 21.76 -29.34
CA PRO B 240 4.59 23.15 -29.24
C PRO B 240 3.05 23.20 -29.28
N GLU B 241 2.47 22.25 -30.00
CA GLU B 241 1.02 22.14 -30.14
C GLU B 241 0.44 21.67 -28.82
N TYR B 242 1.15 20.78 -28.13
CA TYR B 242 0.66 20.28 -26.85
C TYR B 242 0.69 21.45 -25.86
N LEU B 243 1.82 22.14 -25.76
CA LEU B 243 1.95 23.29 -24.87
C LEU B 243 0.92 24.38 -25.19
N ALA B 244 0.63 24.56 -26.47
CA ALA B 244 -0.36 25.56 -26.87
C ALA B 244 -1.77 25.19 -26.37
N SER B 245 -2.12 23.90 -26.46
CA SER B 245 -3.43 23.44 -26.01
C SER B 245 -3.56 23.61 -24.49
N ILE B 246 -2.46 23.47 -23.77
CA ILE B 246 -2.50 23.69 -22.32
C ILE B 246 -2.84 25.16 -22.04
N ASP B 247 -2.16 26.08 -22.72
CA ASP B 247 -2.41 27.49 -22.52
C ASP B 247 -3.86 27.85 -22.86
N GLN B 248 -4.38 27.27 -23.93
CA GLN B 248 -5.75 27.57 -24.32
C GLN B 248 -6.72 27.00 -23.27
N ASN B 249 -6.40 25.84 -22.73
CA ASN B 249 -7.24 25.22 -21.69
C ASN B 249 -7.28 26.14 -20.45
N ILE B 250 -6.13 26.68 -20.04
CA ILE B 250 -6.09 27.58 -18.90
C ILE B 250 -6.98 28.81 -19.14
N LYS B 251 -6.99 29.31 -20.38
CA LYS B 251 -7.81 30.48 -20.73
C LYS B 251 -9.31 30.22 -20.66
N ARG B 252 -9.76 29.03 -21.04
CA ARG B 252 -11.19 28.76 -20.94
C ARG B 252 -11.62 28.66 -19.46
N TYR B 253 -10.75 28.18 -18.58
CA TYR B 253 -11.05 28.16 -17.14
C TYR B 253 -11.12 29.59 -16.62
N ALA B 254 -10.25 30.47 -17.13
CA ALA B 254 -10.27 31.88 -16.69
C ALA B 254 -11.61 32.50 -17.03
N GLU B 255 -12.19 32.11 -18.17
CA GLU B 255 -13.47 32.67 -18.60
C GLU B 255 -14.65 32.30 -17.68
N ILE B 256 -14.53 31.19 -16.94
CA ILE B 256 -15.57 30.80 -16.01
C ILE B 256 -15.21 31.12 -14.54
N GLY B 257 -14.17 31.94 -14.35
CA GLY B 257 -13.73 32.40 -13.04
C GLY B 257 -13.04 31.37 -12.17
N VAL B 258 -12.37 30.42 -12.79
CA VAL B 258 -11.69 29.33 -12.07
C VAL B 258 -10.16 29.48 -12.14
N ILE B 259 -9.52 29.31 -10.99
CA ILE B 259 -8.07 29.37 -10.85
C ILE B 259 -7.47 28.02 -11.30
N VAL B 260 -6.24 28.04 -11.80
CA VAL B 260 -5.53 26.83 -12.20
C VAL B 260 -4.21 26.72 -11.44
N SER B 261 -3.95 25.57 -10.84
CA SER B 261 -2.66 25.34 -10.18
C SER B 261 -1.98 24.15 -10.84
N PHE B 262 -0.64 24.22 -11.03
CA PHE B 262 0.08 23.05 -11.54
C PHE B 262 0.47 22.39 -10.21
N THR B 263 -0.04 21.19 -9.96
CA THR B 263 0.13 20.57 -8.65
C THR B 263 1.15 19.46 -8.41
N GLU B 264 1.50 18.68 -9.44
CA GLU B 264 2.40 17.56 -9.24
C GLU B 264 3.36 17.39 -10.41
N ILE B 265 3.94 18.50 -10.86
CA ILE B 265 4.79 18.44 -12.05
C ILE B 265 6.01 17.55 -11.97
N ASP B 266 6.14 16.71 -13.02
CA ASP B 266 7.35 15.91 -13.26
C ASP B 266 7.41 15.59 -14.77
N ILE B 267 8.63 15.59 -15.32
CA ILE B 267 8.83 15.37 -16.77
C ILE B 267 9.80 14.17 -16.92
N ARG B 268 9.19 12.99 -17.10
CA ARG B 268 9.93 11.72 -17.17
C ARG B 268 10.64 11.45 -18.48
N ILE B 269 11.88 11.00 -18.34
CA ILE B 269 12.78 10.72 -19.47
C ILE B 269 12.95 9.24 -19.74
N PRO B 270 12.72 8.81 -20.99
CA PRO B 270 12.85 7.41 -21.38
C PRO B 270 14.29 6.98 -21.13
N GLN B 271 14.45 5.81 -20.54
CA GLN B 271 15.76 5.27 -20.17
C GLN B 271 16.79 5.05 -21.29
N SER B 272 18.05 5.00 -20.87
CA SER B 272 19.18 4.80 -21.77
C SER B 272 19.27 5.70 -23.00
N GLU B 273 18.34 6.67 -23.12
CA GLU B 273 18.41 7.65 -24.19
C GLU B 273 19.49 8.61 -23.63
N ASN B 274 20.19 9.30 -24.52
CA ASN B 274 21.26 10.21 -24.13
C ASN B 274 20.86 11.23 -23.05
N PRO B 275 21.42 11.10 -21.83
CA PRO B 275 21.12 12.00 -20.70
C PRO B 275 21.49 13.45 -21.04
N ALA B 276 22.48 13.61 -21.94
CA ALA B 276 22.94 14.94 -22.37
C ALA B 276 21.87 15.78 -23.10
N THR B 277 21.45 15.35 -24.29
CA THR B 277 20.42 16.07 -25.06
C THR B 277 19.04 15.96 -24.41
N ALA B 278 18.78 14.80 -23.79
CA ALA B 278 17.52 14.58 -23.05
C ALA B 278 17.36 15.66 -21.96
N PHE B 279 18.40 15.93 -21.17
CA PHE B 279 18.34 16.97 -20.13
C PHE B 279 18.10 18.38 -20.69
N GLN B 280 18.54 18.64 -21.92
CA GLN B 280 18.28 19.96 -22.49
C GLN B 280 16.83 20.09 -22.93
N VAL B 281 16.26 19.05 -23.52
CA VAL B 281 14.86 19.10 -23.95
C VAL B 281 13.98 19.27 -22.70
N GLN B 282 14.32 18.56 -21.62
CA GLN B 282 13.58 18.63 -20.37
C GLN B 282 13.62 20.06 -19.85
N ALA B 283 14.79 20.69 -19.91
CA ALA B 283 14.94 22.08 -19.47
C ALA B 283 14.02 23.01 -20.26
N ASN B 284 13.97 22.82 -21.58
CA ASN B 284 13.13 23.63 -22.46
C ASN B 284 11.66 23.42 -22.10
N ASN B 285 11.30 22.16 -21.82
CA ASN B 285 9.92 21.78 -21.43
C ASN B 285 9.52 22.46 -20.09
N TYR B 286 10.40 22.44 -19.08
CA TYR B 286 10.11 23.13 -17.80
C TYR B 286 9.99 24.63 -18.01
N LYS B 287 10.90 25.18 -18.82
CA LYS B 287 10.90 26.61 -19.11
C LYS B 287 9.59 27.02 -19.79
N GLU B 288 9.09 26.25 -20.76
CA GLU B 288 7.85 26.61 -21.45
C GLU B 288 6.65 26.55 -20.48
N LEU B 289 6.67 25.55 -19.58
CA LEU B 289 5.61 25.40 -18.58
C LEU B 289 5.56 26.63 -17.65
N MET B 290 6.73 27.09 -17.19
CA MET B 290 6.81 28.28 -16.34
C MET B 290 6.34 29.55 -17.09
N LYS B 291 6.67 29.66 -18.39
CA LYS B 291 6.22 30.80 -19.19
C LYS B 291 4.68 30.83 -19.31
N ILE B 292 4.06 29.66 -19.45
CA ILE B 292 2.60 29.55 -19.52
C ILE B 292 2.00 30.04 -18.17
N CYS B 293 2.61 29.63 -17.06
CA CYS B 293 2.17 30.05 -15.73
C CYS B 293 2.25 31.58 -15.59
N LEU B 294 3.36 32.14 -16.03
CA LEU B 294 3.57 33.59 -15.97
C LEU B 294 2.63 34.40 -16.87
N ALA B 295 2.26 33.81 -18.00
CA ALA B 295 1.39 34.47 -18.97
C ALA B 295 -0.09 34.54 -18.61
N ASN B 296 -0.55 33.61 -17.75
CA ASN B 296 -1.96 33.54 -17.39
C ASN B 296 -2.23 34.06 -15.98
N PRO B 297 -3.04 35.11 -15.85
CA PRO B 297 -3.35 35.69 -14.55
C PRO B 297 -4.06 34.80 -13.52
N ASN B 298 -4.74 33.75 -13.98
CA ASN B 298 -5.46 32.82 -13.08
C ASN B 298 -4.61 31.59 -12.74
N CYS B 299 -3.32 31.60 -13.04
CA CYS B 299 -2.46 30.45 -12.76
C CYS B 299 -1.28 30.99 -12.00
N ASN B 300 -1.22 30.74 -10.71
CA ASN B 300 -0.14 31.27 -9.89
C ASN B 300 0.52 30.33 -8.89
N THR B 301 0.36 29.03 -9.11
CA THR B 301 0.91 28.01 -8.23
C THR B 301 1.61 27.01 -9.12
N PHE B 302 2.91 26.82 -8.86
CA PHE B 302 3.77 25.94 -9.64
C PHE B 302 4.43 24.92 -8.69
N VAL B 303 3.82 23.74 -8.55
CA VAL B 303 4.35 22.70 -7.63
C VAL B 303 4.83 21.44 -8.36
N MET B 304 6.06 21.04 -8.08
CA MET B 304 6.66 19.87 -8.68
C MET B 304 6.54 18.69 -7.69
N TRP B 305 6.46 17.47 -8.22
CA TRP B 305 6.32 16.30 -7.35
C TRP B 305 7.70 15.81 -6.92
N GLY B 306 8.41 16.67 -6.21
CA GLY B 306 9.75 16.38 -5.72
C GLY B 306 10.72 17.38 -6.34
N PHE B 307 11.97 17.38 -5.88
CA PHE B 307 12.97 18.28 -6.46
C PHE B 307 14.28 17.56 -6.83
N THR B 308 14.52 16.38 -6.25
CA THR B 308 15.73 15.62 -6.58
C THR B 308 15.42 14.24 -7.16
N ASP B 309 16.14 13.87 -8.21
CA ASP B 309 15.96 12.56 -8.85
C ASP B 309 16.21 11.40 -7.89
N LYS B 310 16.82 11.69 -6.74
CA LYS B 310 17.05 10.65 -5.72
C LYS B 310 15.72 10.10 -5.12
N TYR B 311 14.69 10.95 -5.03
CA TYR B 311 13.40 10.53 -4.46
C TYR B 311 12.26 10.85 -5.43
N THR B 312 11.73 9.81 -6.07
CA THR B 312 10.62 9.97 -7.01
C THR B 312 9.84 8.68 -7.26
N TRP B 313 8.53 8.84 -7.42
CA TRP B 313 7.65 7.70 -7.68
C TRP B 313 7.71 7.19 -9.13
N ILE B 314 8.25 7.99 -10.04
CA ILE B 314 8.28 7.64 -11.47
C ILE B 314 8.84 6.29 -11.90
N PRO B 315 10.11 5.97 -11.56
CA PRO B 315 10.74 4.70 -11.94
C PRO B 315 9.99 3.40 -11.55
N GLY B 316 9.32 3.43 -10.39
CA GLY B 316 8.60 2.26 -9.89
C GLY B 316 7.26 2.13 -10.56
N THR B 317 6.66 3.27 -10.87
CA THR B 317 5.35 3.29 -11.50
C THR B 317 5.40 3.23 -13.02
N PHE B 318 6.42 3.83 -13.62
CA PHE B 318 6.61 3.85 -15.09
C PHE B 318 7.96 3.25 -15.39
N PRO B 319 8.05 1.91 -15.41
CA PRO B 319 9.33 1.23 -15.68
C PRO B 319 9.94 1.70 -17.01
N GLY B 320 11.24 1.98 -16.97
CA GLY B 320 11.92 2.43 -18.16
C GLY B 320 12.03 3.95 -18.25
N TYR B 321 11.47 4.66 -17.28
CA TYR B 321 11.51 6.12 -17.24
C TYR B 321 12.17 6.58 -15.94
N GLY B 322 12.72 7.78 -15.94
CA GLY B 322 13.35 8.29 -14.76
C GLY B 322 13.81 9.73 -14.91
N ASN B 323 14.69 10.14 -13.98
CA ASN B 323 15.30 11.48 -13.93
C ASN B 323 14.32 12.58 -14.33
N PRO B 324 13.22 12.70 -13.56
CA PRO B 324 12.17 13.69 -13.85
C PRO B 324 12.20 15.09 -13.25
N LEU B 325 13.18 15.35 -12.37
CA LEU B 325 13.20 16.58 -11.59
C LEU B 325 14.34 17.57 -11.83
N ILE B 326 14.40 18.63 -11.03
CA ILE B 326 15.39 19.69 -11.30
C ILE B 326 16.79 19.58 -10.73
N TYR B 327 16.99 18.68 -9.75
CA TYR B 327 18.31 18.41 -9.17
C TYR B 327 18.57 16.94 -9.43
N ASP B 328 19.82 16.57 -9.70
CA ASP B 328 20.11 15.15 -9.94
C ASP B 328 20.21 14.40 -8.60
N SER B 329 20.50 13.09 -8.64
CA SER B 329 20.60 12.30 -7.41
C SER B 329 21.74 12.64 -6.45
N ASN B 330 22.64 13.52 -6.87
CA ASN B 330 23.76 13.96 -6.03
C ASN B 330 23.56 15.41 -5.60
N TYR B 331 22.34 15.94 -5.81
CA TYR B 331 21.98 17.32 -5.47
C TYR B 331 22.67 18.41 -6.32
N ASN B 332 23.06 18.05 -7.54
CA ASN B 332 23.65 19.03 -8.46
C ASN B 332 22.48 19.55 -9.31
N PRO B 333 22.38 20.90 -9.50
CA PRO B 333 21.27 21.41 -10.33
C PRO B 333 21.42 20.91 -11.78
N LYS B 334 20.31 20.47 -12.34
CA LYS B 334 20.26 20.01 -13.72
C LYS B 334 19.93 21.24 -14.61
N PRO B 335 20.02 21.08 -15.95
CA PRO B 335 19.70 22.24 -16.79
C PRO B 335 18.28 22.79 -16.47
N ALA B 336 17.34 21.90 -16.14
CA ALA B 336 15.97 22.33 -15.82
C ALA B 336 15.91 23.39 -14.71
N TYR B 337 16.81 23.28 -13.72
CA TYR B 337 16.84 24.26 -12.61
C TYR B 337 17.14 25.68 -13.12
N ASN B 338 18.19 25.80 -13.94
CA ASN B 338 18.61 27.08 -14.52
C ASN B 338 17.55 27.65 -15.47
N ALA B 339 16.94 26.76 -16.25
CA ALA B 339 15.90 27.13 -17.21
C ALA B 339 14.66 27.78 -16.53
N ILE B 340 14.22 27.24 -15.40
CA ILE B 340 13.09 27.80 -14.67
C ILE B 340 13.51 29.17 -14.13
N LYS B 341 14.71 29.23 -13.56
CA LYS B 341 15.23 30.47 -13.04
C LYS B 341 15.31 31.55 -14.12
N GLU B 342 15.76 31.20 -15.31
CA GLU B 342 15.79 32.21 -16.36
C GLU B 342 14.38 32.59 -16.86
N ALA B 343 13.42 31.65 -16.86
CA ALA B 343 12.05 32.01 -17.24
C ALA B 343 11.50 33.05 -16.22
N LEU B 344 11.96 32.99 -14.97
CA LEU B 344 11.51 33.92 -13.93
C LEU B 344 12.18 35.31 -13.94
N MET B 345 13.36 35.41 -14.53
CA MET B 345 14.09 36.69 -14.59
C MET B 345 13.65 37.59 -15.77
#